data_5I7V
#
_entry.id   5I7V
#
_cell.length_a   69.620
_cell.length_b   111.950
_cell.length_c   262.750
_cell.angle_alpha   90.00
_cell.angle_beta   90.00
_cell.angle_gamma   90.00
#
_symmetry.space_group_name_H-M   'I 2 2 2'
#
loop_
_entity.id
_entity.type
_entity.pdbx_description
1 polymer 'Enoyl-[acyl-carrier-protein] reductase [NADH]'
2 non-polymer NICOTINAMIDE-ADENINE-DINUCLEOTIDE
3 non-polymer 2-phenoxy-5-propyl-phenol
4 water water
#
_entity_poly.entity_id   1
_entity_poly.type   'polypeptide(L)'
_entity_poly.pdbx_seq_one_letter_code
;MGFLDGKRILLTGLLSNRSIAYGIAKACKREGAELAFTYVGDRFKDRITEFAAEFGSELVFPCDVADDAQIDALFASLKT
HWDSLDGLVHSIGFAPREAIAGDFLDGLTRENFRIAHDISAYSFPALAKAALPMLSDDASLLTLSYLGAERAIPNYNTMG
LAKAALEASVRYLAVSLGAKGVRVNAISAGPIKTLAASGIKSFGKILDFVESNSPLKRNVTIEQVGNAGAFLLSDLASGV
TAEVMHVDSGFNAVVGGMAGLEEKLAAALEHHHHHH
;
_entity_poly.pdbx_strand_id   A,B,C
#
loop_
_chem_comp.id
_chem_comp.type
_chem_comp.name
_chem_comp.formula
NAD non-polymer NICOTINAMIDE-ADENINE-DINUCLEOTIDE 'C21 H27 N7 O14 P2'
PV4 non-polymer 2-phenoxy-5-propyl-phenol 'C15 H16 O2'
#
# COMPACT_ATOMS: atom_id res chain seq x y z
N GLY A 2 4.25 -23.16 -0.29
CA GLY A 2 3.15 -22.56 0.43
C GLY A 2 2.74 -21.22 -0.15
N PHE A 3 1.89 -20.49 0.56
CA PHE A 3 1.28 -19.29 0.00
C PHE A 3 2.21 -18.08 -0.04
N LEU A 4 3.47 -18.27 0.33
CA LEU A 4 4.45 -17.18 0.21
C LEU A 4 5.60 -17.57 -0.70
N ASP A 5 5.50 -18.74 -1.32
CA ASP A 5 6.53 -19.22 -2.25
C ASP A 5 7.15 -18.12 -3.11
N GLY A 6 8.46 -17.91 -2.93
CA GLY A 6 9.20 -17.02 -3.80
C GLY A 6 9.05 -15.54 -3.51
N LYS A 7 8.28 -15.19 -2.49
CA LYS A 7 8.09 -13.78 -2.12
C LYS A 7 9.26 -13.27 -1.28
N ARG A 8 9.72 -12.08 -1.60
CA ARG A 8 10.84 -11.51 -0.87
C ARG A 8 10.37 -10.44 0.10
N ILE A 9 10.57 -10.70 1.39
CA ILE A 9 10.02 -9.88 2.43
C ILE A 9 11.08 -9.35 3.37
N LEU A 10 11.07 -8.04 3.53
CA LEU A 10 11.96 -7.35 4.46
C LEU A 10 11.25 -7.21 5.81
N LEU A 11 11.89 -7.69 6.87
CA LEU A 11 11.33 -7.63 8.22
C LEU A 11 12.14 -6.70 9.10
N THR A 12 11.45 -5.82 9.82
CA THR A 12 12.10 -4.94 10.77
C THR A 12 11.67 -5.36 12.16
N GLY A 13 12.32 -4.82 13.18
CA GLY A 13 11.85 -4.95 14.55
C GLY A 13 12.08 -6.31 15.17
N LEU A 14 12.88 -7.14 14.50
CA LEU A 14 13.27 -8.42 15.07
C LEU A 14 14.41 -8.19 16.05
N LEU A 15 14.12 -8.40 17.33
CA LEU A 15 15.08 -8.08 18.39
C LEU A 15 15.38 -9.27 19.29
N SER A 16 14.34 -9.95 19.72
CA SER A 16 14.50 -11.17 20.49
CA SER A 16 14.52 -11.17 20.48
C SER A 16 13.84 -12.33 19.77
N ASN A 17 13.90 -13.51 20.39
CA ASN A 17 13.16 -14.65 19.91
C ASN A 17 11.76 -14.61 20.49
N ARG A 18 11.45 -13.52 21.19
CA ARG A 18 10.11 -13.32 21.72
C ARG A 18 9.40 -12.24 20.94
N SER A 19 10.15 -11.51 20.14
CA SER A 19 9.61 -10.49 19.23
C SER A 19 8.44 -10.96 18.41
N ILE A 20 7.49 -10.07 18.18
CA ILE A 20 6.39 -10.36 17.30
C ILE A 20 6.97 -10.61 15.91
N ALA A 21 7.93 -9.77 15.50
CA ALA A 21 8.58 -9.92 14.21
C ALA A 21 9.21 -11.32 14.05
N TYR A 22 9.54 -11.96 15.16
CA TYR A 22 10.14 -13.27 15.10
C TYR A 22 9.15 -14.31 14.61
N GLY A 23 7.97 -14.33 15.23
CA GLY A 23 6.90 -15.25 14.87
C GLY A 23 6.43 -15.03 13.45
N ILE A 24 6.61 -13.82 12.94
CA ILE A 24 6.15 -13.53 11.60
C ILE A 24 7.19 -14.03 10.61
N ALA A 25 8.46 -13.96 10.98
CA ALA A 25 9.51 -14.54 10.17
C ALA A 25 9.30 -16.06 10.05
N LYS A 26 9.08 -16.73 11.19
CA LYS A 26 8.91 -18.17 11.18
C LYS A 26 7.80 -18.53 10.24
N ALA A 27 6.66 -17.88 10.45
CA ALA A 27 5.49 -18.14 9.64
C ALA A 27 5.76 -17.87 8.15
N CYS A 28 6.52 -16.84 7.85
CA CYS A 28 6.82 -16.55 6.46
C CYS A 28 7.77 -17.58 5.86
N LYS A 29 8.89 -17.82 6.54
CA LYS A 29 9.85 -18.81 6.08
C LYS A 29 9.08 -20.10 5.82
N ARG A 30 8.35 -20.54 6.83
CA ARG A 30 7.56 -21.76 6.75
C ARG A 30 6.61 -21.83 5.54
N GLU A 31 6.36 -20.69 4.90
CA GLU A 31 5.45 -20.68 3.76
C GLU A 31 6.16 -20.38 2.44
N GLY A 32 7.49 -20.41 2.46
CA GLY A 32 8.26 -20.30 1.24
C GLY A 32 8.91 -18.97 1.01
N ALA A 33 8.82 -18.11 2.01
CA ALA A 33 9.28 -16.74 1.84
C ALA A 33 10.80 -16.67 1.88
N GLU A 34 11.34 -15.63 1.29
CA GLU A 34 12.75 -15.35 1.36
C GLU A 34 12.86 -14.05 2.14
N LEU A 35 13.71 -14.02 3.16
CA LEU A 35 13.69 -12.93 4.12
C LEU A 35 14.95 -12.07 4.14
N ALA A 36 14.78 -10.83 4.57
CA ALA A 36 15.87 -9.91 4.82
C ALA A 36 15.49 -9.17 6.09
N PHE A 37 16.47 -8.66 6.82
CA PHE A 37 16.21 -8.10 8.16
C PHE A 37 16.89 -6.77 8.39
N THR A 38 16.41 -6.05 9.39
CA THR A 38 17.05 -4.81 9.82
C THR A 38 17.37 -4.88 11.30
N TYR A 39 18.28 -4.00 11.71
CA TYR A 39 18.66 -3.86 13.11
C TYR A 39 19.02 -2.42 13.39
N VAL A 40 19.05 -2.06 14.68
CA VAL A 40 19.43 -0.70 15.04
C VAL A 40 20.74 -0.66 15.83
N GLY A 41 21.70 0.09 15.31
CA GLY A 41 22.98 0.25 15.99
C GLY A 41 23.94 -0.86 15.62
N ASP A 42 25.23 -0.56 15.70
CA ASP A 42 26.25 -1.51 15.31
C ASP A 42 26.38 -2.64 16.34
N ARG A 43 25.82 -2.45 17.53
CA ARG A 43 25.98 -3.40 18.62
C ARG A 43 24.95 -4.54 18.65
N PHE A 44 24.10 -4.56 17.63
CA PHE A 44 23.13 -5.63 17.45
C PHE A 44 23.41 -6.37 16.14
N LYS A 45 24.26 -5.77 15.32
CA LYS A 45 24.72 -6.35 14.06
C LYS A 45 25.01 -7.85 14.14
N ASP A 46 25.51 -8.30 15.28
CA ASP A 46 25.90 -9.70 15.41
C ASP A 46 24.71 -10.62 15.68
N ARG A 47 23.77 -10.14 16.49
CA ARG A 47 22.63 -10.96 16.89
C ARG A 47 21.69 -11.22 15.72
N ILE A 48 21.45 -10.18 14.92
CA ILE A 48 20.52 -10.27 13.81
C ILE A 48 21.09 -11.17 12.73
N THR A 49 22.42 -11.20 12.62
CA THR A 49 23.11 -12.04 11.66
C THR A 49 22.86 -13.52 11.91
N GLU A 50 22.84 -13.91 13.19
CA GLU A 50 22.43 -15.26 13.58
C GLU A 50 20.99 -15.52 13.19
N PHE A 51 20.09 -14.73 13.77
CA PHE A 51 18.67 -14.80 13.45
C PHE A 51 18.41 -14.95 11.95
N ALA A 52 19.15 -14.20 11.14
CA ALA A 52 18.97 -14.25 9.70
C ALA A 52 19.44 -15.58 9.14
N ALA A 53 20.53 -16.10 9.70
CA ALA A 53 21.05 -17.41 9.33
C ALA A 53 20.01 -18.47 9.60
N GLU A 54 19.36 -18.38 10.77
CA GLU A 54 18.30 -19.32 11.13
C GLU A 54 17.15 -19.38 10.12
N PHE A 55 16.97 -18.32 9.33
CA PHE A 55 15.95 -18.32 8.29
C PHE A 55 16.57 -18.35 6.90
N GLY A 56 17.79 -18.87 6.83
CA GLY A 56 18.45 -19.03 5.55
C GLY A 56 18.72 -17.72 4.84
N SER A 57 18.83 -16.65 5.60
CA SER A 57 19.09 -15.35 5.04
C SER A 57 20.47 -14.86 5.41
N GLU A 58 21.09 -14.09 4.52
CA GLU A 58 22.40 -13.53 4.77
C GLU A 58 22.30 -12.02 4.59
N LEU A 59 21.07 -11.50 4.66
CA LEU A 59 20.84 -10.08 4.44
C LEU A 59 20.41 -9.37 5.72
N VAL A 60 21.31 -8.57 6.28
CA VAL A 60 21.01 -7.80 7.46
C VAL A 60 21.42 -6.35 7.23
N PHE A 61 20.57 -5.41 7.65
CA PHE A 61 20.85 -4.00 7.38
C PHE A 61 20.50 -3.13 8.56
N PRO A 62 21.39 -2.20 8.90
CA PRO A 62 21.11 -1.24 9.97
C PRO A 62 20.06 -0.23 9.52
N CYS A 63 19.20 0.16 10.43
CA CYS A 63 18.22 1.18 10.10
C CYS A 63 17.61 1.79 11.35
N ASP A 64 18.16 2.93 11.76
CA ASP A 64 17.57 3.72 12.82
C ASP A 64 16.51 4.56 12.15
N VAL A 65 15.24 4.26 12.40
CA VAL A 65 14.16 4.94 11.69
C VAL A 65 14.10 6.43 12.06
N ALA A 66 14.99 6.84 12.95
CA ALA A 66 15.12 8.21 13.35
C ALA A 66 15.99 9.01 12.38
N ASP A 67 16.68 8.30 11.49
CA ASP A 67 17.64 8.93 10.60
C ASP A 67 17.25 8.79 9.13
N ASP A 68 16.85 9.89 8.51
CA ASP A 68 16.62 9.90 7.07
C ASP A 68 17.72 9.14 6.33
N ALA A 69 18.97 9.35 6.75
CA ALA A 69 20.12 8.73 6.09
C ALA A 69 20.03 7.20 6.00
N GLN A 70 19.81 6.54 7.13
CA GLN A 70 19.78 5.08 7.17
C GLN A 70 18.61 4.46 6.43
N ILE A 71 17.42 5.08 6.58
CA ILE A 71 16.25 4.65 5.85
C ILE A 71 16.51 4.64 4.34
N ASP A 72 17.25 5.64 3.87
CA ASP A 72 17.58 5.70 2.45
C ASP A 72 18.67 4.72 2.07
N ALA A 73 19.66 4.60 2.94
CA ALA A 73 20.75 3.63 2.76
C ALA A 73 20.18 2.23 2.69
N LEU A 74 19.26 1.95 3.60
CA LEU A 74 18.62 0.65 3.69
C LEU A 74 18.16 0.13 2.34
N PHE A 75 17.44 0.96 1.59
CA PHE A 75 16.83 0.49 0.35
C PHE A 75 17.75 0.59 -0.85
N ALA A 76 18.80 1.40 -0.71
CA ALA A 76 19.84 1.41 -1.71
C ALA A 76 20.59 0.10 -1.61
N SER A 77 21.05 -0.24 -0.40
CA SER A 77 21.74 -1.49 -0.15
C SER A 77 20.91 -2.65 -0.68
N LEU A 78 19.72 -2.79 -0.11
CA LEU A 78 18.82 -3.87 -0.46
C LEU A 78 18.64 -4.02 -1.96
N LYS A 79 18.67 -2.90 -2.67
CA LYS A 79 18.40 -2.90 -4.11
C LYS A 79 19.44 -3.72 -4.89
N THR A 80 20.67 -3.72 -4.39
CA THR A 80 21.75 -4.43 -5.07
C THR A 80 21.60 -5.94 -4.95
N HIS A 81 20.93 -6.40 -3.90
CA HIS A 81 20.67 -7.83 -3.71
C HIS A 81 19.33 -8.22 -4.32
N TRP A 82 18.26 -7.55 -3.92
CA TRP A 82 16.96 -7.85 -4.50
C TRP A 82 16.57 -6.85 -5.59
N ASP A 83 16.07 -7.39 -6.68
CA ASP A 83 15.59 -6.59 -7.80
C ASP A 83 14.32 -5.83 -7.40
N SER A 84 13.45 -6.49 -6.64
CA SER A 84 12.25 -5.83 -6.19
C SER A 84 11.81 -6.38 -4.83
N LEU A 85 10.92 -5.63 -4.17
CA LEU A 85 10.44 -6.01 -2.85
C LEU A 85 8.97 -6.43 -2.92
N ASP A 86 8.63 -7.51 -2.21
CA ASP A 86 7.27 -8.07 -2.28
C ASP A 86 6.49 -7.90 -0.96
N GLY A 87 7.20 -7.67 0.14
CA GLY A 87 6.58 -7.50 1.44
C GLY A 87 7.46 -6.71 2.39
N LEU A 88 6.88 -5.76 3.11
CA LEU A 88 7.60 -5.09 4.19
C LEU A 88 6.86 -5.18 5.52
N VAL A 89 7.54 -5.65 6.56
CA VAL A 89 6.94 -5.72 7.90
C VAL A 89 7.52 -4.65 8.83
N HIS A 90 6.65 -3.81 9.37
CA HIS A 90 7.03 -2.72 10.25
C HIS A 90 6.68 -3.15 11.66
N SER A 91 7.66 -3.58 12.43
CA SER A 91 7.35 -4.11 13.74
C SER A 91 8.07 -3.23 14.73
N ILE A 92 7.89 -1.93 14.56
CA ILE A 92 8.66 -0.92 15.29
C ILE A 92 7.85 0.00 16.18
N GLY A 93 8.17 0.02 17.46
CA GLY A 93 7.56 0.94 18.40
C GLY A 93 8.55 1.38 19.45
N PHE A 94 8.33 2.59 19.96
CA PHE A 94 9.15 3.15 21.04
C PHE A 94 8.56 4.42 21.65
N ALA A 95 8.68 4.54 22.97
CA ALA A 95 8.29 5.77 23.66
C ALA A 95 9.18 5.93 24.88
N PRO A 96 9.68 7.15 25.10
CA PRO A 96 10.39 7.46 26.34
C PRO A 96 9.68 6.79 27.50
N ARG A 97 10.43 6.34 28.50
CA ARG A 97 9.82 5.58 29.60
C ARG A 97 8.74 6.35 30.38
N GLU A 98 8.91 7.66 30.55
CA GLU A 98 7.91 8.46 31.26
C GLU A 98 6.56 8.41 30.57
N ALA A 99 6.59 8.44 29.25
CA ALA A 99 5.37 8.60 28.46
C ALA A 99 4.44 7.38 28.49
N ILE A 100 4.93 6.28 29.04
CA ILE A 100 4.15 5.06 29.10
C ILE A 100 4.12 4.53 30.54
N ALA A 101 4.30 5.46 31.48
CA ALA A 101 4.27 5.12 32.90
C ALA A 101 3.26 6.01 33.62
N GLY A 102 2.33 5.38 34.34
CA GLY A 102 1.44 6.10 35.24
C GLY A 102 0.48 7.05 34.56
N ASP A 103 0.42 8.28 35.09
CA ASP A 103 -0.53 9.29 34.62
C ASP A 103 -0.18 9.81 33.23
N PHE A 104 -1.17 9.84 32.35
CA PHE A 104 -1.03 10.37 30.98
C PHE A 104 -0.39 11.76 30.93
N LEU A 105 -1.01 12.71 31.62
CA LEU A 105 -0.51 14.09 31.67
C LEU A 105 0.82 14.21 32.39
N ASP A 106 1.11 13.29 33.30
CA ASP A 106 2.37 13.39 34.03
C ASP A 106 3.56 13.03 33.14
N GLY A 107 3.33 12.21 32.12
CA GLY A 107 4.40 11.81 31.20
C GLY A 107 4.46 12.64 29.93
N LEU A 108 3.54 13.58 29.82
CA LEU A 108 3.42 14.35 28.60
C LEU A 108 4.44 15.48 28.54
N THR A 109 5.16 15.58 27.44
CA THR A 109 6.03 16.72 27.14
C THR A 109 6.21 16.80 25.63
N ARG A 110 6.38 18.00 25.10
CA ARG A 110 6.50 18.17 23.66
C ARG A 110 7.51 17.18 23.09
N GLU A 111 8.50 16.84 23.90
CA GLU A 111 9.59 16.02 23.43
C GLU A 111 9.21 14.55 23.35
N ASN A 112 8.63 14.02 24.42
CA ASN A 112 8.18 12.64 24.41
C ASN A 112 7.20 12.40 23.29
N PHE A 113 6.16 13.22 23.24
CA PHE A 113 5.20 13.14 22.16
C PHE A 113 5.93 13.06 20.82
N ARG A 114 6.85 13.98 20.57
CA ARG A 114 7.51 14.04 19.27
C ARG A 114 8.16 12.71 18.96
N ILE A 115 8.82 12.17 19.97
CA ILE A 115 9.65 11.01 19.77
C ILE A 115 8.80 9.80 19.48
N ALA A 116 7.76 9.61 20.28
CA ALA A 116 6.86 8.46 20.14
C ALA A 116 6.16 8.47 18.80
N HIS A 117 5.76 9.66 18.35
CA HIS A 117 5.16 9.80 17.05
C HIS A 117 6.15 9.64 15.92
N ASP A 118 7.34 10.22 16.06
CA ASP A 118 8.39 10.05 15.06
C ASP A 118 8.66 8.56 14.81
N ILE A 119 8.89 7.80 15.88
CA ILE A 119 9.43 6.47 15.73
C ILE A 119 8.36 5.43 15.45
N SER A 120 7.28 5.46 16.22
CA SER A 120 6.18 4.52 16.09
C SER A 120 5.17 4.81 14.98
N ALA A 121 4.98 6.08 14.63
CA ALA A 121 3.98 6.41 13.64
C ALA A 121 4.55 6.81 12.28
N TYR A 122 5.33 7.89 12.27
CA TYR A 122 5.90 8.40 11.04
C TYR A 122 6.76 7.36 10.29
N SER A 123 7.45 6.51 11.02
CA SER A 123 8.41 5.63 10.38
C SER A 123 7.78 4.70 9.36
N PHE A 124 6.53 4.36 9.56
CA PHE A 124 5.87 3.36 8.70
C PHE A 124 5.67 3.88 7.28
N PRO A 125 4.97 5.01 7.12
CA PRO A 125 4.88 5.61 5.79
C PRO A 125 6.23 6.14 5.30
N ALA A 126 7.11 6.48 6.22
CA ALA A 126 8.45 6.91 5.85
C ALA A 126 9.12 5.80 5.04
N LEU A 127 9.19 4.61 5.64
CA LEU A 127 9.75 3.43 4.98
C LEU A 127 9.04 3.13 3.68
N ALA A 128 7.73 3.30 3.67
CA ALA A 128 6.97 3.08 2.43
C ALA A 128 7.44 3.97 1.28
N LYS A 129 7.45 5.29 1.50
CA LYS A 129 7.96 6.18 0.47
C LYS A 129 9.34 5.72 0.01
N ALA A 130 10.14 5.27 0.98
CA ALA A 130 11.52 4.89 0.72
C ALA A 130 11.68 3.52 0.05
N ALA A 131 10.57 2.79 -0.09
CA ALA A 131 10.57 1.50 -0.78
C ALA A 131 9.83 1.60 -2.08
N LEU A 132 8.95 2.58 -2.18
CA LEU A 132 8.13 2.76 -3.36
C LEU A 132 8.88 2.36 -4.65
N PRO A 133 10.09 2.90 -4.83
CA PRO A 133 10.90 2.58 -6.01
C PRO A 133 11.05 1.08 -6.35
N MET A 134 11.39 0.25 -5.37
CA MET A 134 11.63 -1.15 -5.67
C MET A 134 10.45 -2.08 -5.35
N LEU A 135 9.32 -1.50 -4.93
CA LEU A 135 8.15 -2.31 -4.61
C LEU A 135 7.57 -2.95 -5.86
N SER A 136 7.02 -4.15 -5.71
CA SER A 136 6.40 -4.85 -6.82
C SER A 136 4.91 -4.53 -6.87
N ASP A 137 4.22 -5.11 -7.86
CA ASP A 137 2.82 -4.78 -8.10
C ASP A 137 1.86 -5.54 -7.18
N ASP A 138 2.29 -6.67 -6.66
CA ASP A 138 1.43 -7.46 -5.77
C ASP A 138 1.84 -7.23 -4.33
N ALA A 139 2.81 -6.34 -4.15
CA ALA A 139 3.41 -6.06 -2.85
C ALA A 139 2.41 -5.72 -1.72
N SER A 140 2.83 -5.98 -0.51
CA SER A 140 1.94 -5.86 0.62
C SER A 140 2.72 -5.27 1.76
N LEU A 141 2.20 -4.20 2.37
CA LEU A 141 2.81 -3.66 3.60
C LEU A 141 1.99 -4.03 4.80
N LEU A 142 2.68 -4.27 5.90
CA LEU A 142 2.02 -4.66 7.14
C LEU A 142 2.71 -4.09 8.37
N THR A 143 1.90 -3.51 9.25
CA THR A 143 2.40 -2.87 10.46
C THR A 143 1.68 -3.46 11.64
N LEU A 144 2.24 -3.28 12.83
CA LEU A 144 1.61 -3.77 14.04
C LEU A 144 1.02 -2.62 14.83
N SER A 145 -0.12 -2.88 15.46
CA SER A 145 -0.80 -1.87 16.25
C SER A 145 -1.43 -2.46 17.49
N TYR A 146 -2.22 -1.66 18.19
CA TYR A 146 -2.79 -2.11 19.45
C TYR A 146 -4.12 -1.46 19.78
N LEU A 147 -4.92 -2.15 20.59
CA LEU A 147 -6.28 -1.74 20.91
C LEU A 147 -6.29 -0.38 21.62
N GLY A 148 -5.14 0.00 22.16
CA GLY A 148 -4.97 1.26 22.86
C GLY A 148 -5.12 2.46 21.96
N ALA A 149 -5.21 2.22 20.66
CA ALA A 149 -5.39 3.32 19.72
C ALA A 149 -6.84 3.74 19.70
N GLU A 150 -7.72 2.81 20.04
CA GLU A 150 -9.16 3.02 19.93
C GLU A 150 -9.82 3.18 21.31
N ARG A 151 -9.16 2.71 22.35
CA ARG A 151 -9.71 2.84 23.70
C ARG A 151 -8.63 3.13 24.73
N ALA A 152 -8.96 3.94 25.73
CA ALA A 152 -7.98 4.32 26.72
C ALA A 152 -7.59 3.14 27.62
N ILE A 153 -6.35 2.72 27.48
CA ILE A 153 -5.76 1.66 28.29
C ILE A 153 -4.80 2.26 29.31
N PRO A 154 -4.92 1.84 30.58
CA PRO A 154 -3.96 2.27 31.59
C PRO A 154 -2.52 2.17 31.09
N ASN A 155 -1.69 3.16 31.42
CA ASN A 155 -0.27 3.18 31.13
C ASN A 155 0.12 3.41 29.67
N TYR A 156 -0.77 3.09 28.74
CA TYR A 156 -0.44 3.21 27.33
C TYR A 156 -0.20 4.67 26.93
N ASN A 157 -1.09 5.56 27.36
CA ASN A 157 -0.80 6.99 27.32
C ASN A 157 -0.46 7.52 25.92
N THR A 158 0.69 8.17 25.80
CA THR A 158 1.19 8.66 24.52
C THR A 158 1.32 7.57 23.44
N MET A 159 1.62 6.34 23.82
CA MET A 159 1.66 5.28 22.81
C MET A 159 0.31 5.19 22.14
N GLY A 160 -0.74 5.48 22.91
CA GLY A 160 -2.09 5.44 22.40
C GLY A 160 -2.30 6.33 21.17
N LEU A 161 -1.66 7.50 21.17
CA LEU A 161 -1.81 8.51 20.15
C LEU A 161 -0.99 8.18 18.94
N ALA A 162 0.28 7.81 19.14
CA ALA A 162 1.11 7.27 18.05
C ALA A 162 0.34 6.20 17.28
N LYS A 163 -0.24 5.25 18.01
CA LYS A 163 -0.92 4.15 17.39
C LYS A 163 -2.18 4.55 16.63
N ALA A 164 -2.81 5.65 17.04
CA ALA A 164 -3.97 6.12 16.32
C ALA A 164 -3.51 6.72 15.00
N ALA A 165 -2.44 7.49 15.06
CA ALA A 165 -1.86 8.09 13.87
C ALA A 165 -1.35 7.00 12.93
N LEU A 166 -0.71 5.98 13.48
CA LEU A 166 -0.21 4.89 12.65
C LEU A 166 -1.34 4.24 11.87
N GLU A 167 -2.42 3.94 12.55
CA GLU A 167 -3.56 3.32 11.90
C GLU A 167 -4.22 4.22 10.89
N ALA A 168 -4.16 5.54 11.09
CA ALA A 168 -4.70 6.41 10.07
C ALA A 168 -3.80 6.38 8.82
N SER A 169 -2.48 6.23 9.01
CA SER A 169 -1.53 6.20 7.90
C SER A 169 -1.75 4.98 7.02
N VAL A 170 -2.15 3.88 7.65
CA VAL A 170 -2.55 2.69 6.93
C VAL A 170 -3.58 3.04 5.89
N ARG A 171 -4.56 3.86 6.24
CA ARG A 171 -5.64 4.17 5.28
C ARG A 171 -5.10 5.06 4.18
N TYR A 172 -4.33 6.07 4.56
CA TYR A 172 -3.80 7.00 3.59
C TYR A 172 -2.74 6.33 2.71
N LEU A 173 -2.02 5.38 3.28
CA LEU A 173 -1.11 4.58 2.47
C LEU A 173 -1.87 3.75 1.44
N ALA A 174 -2.90 3.03 1.88
CA ALA A 174 -3.65 2.17 0.99
C ALA A 174 -4.11 2.91 -0.24
N VAL A 175 -4.49 4.17 -0.07
CA VAL A 175 -5.02 4.98 -1.15
C VAL A 175 -3.89 5.40 -2.06
N SER A 176 -2.83 5.90 -1.47
CA SER A 176 -1.67 6.37 -2.19
C SER A 176 -1.01 5.25 -3.06
N LEU A 177 -0.87 4.05 -2.49
CA LEU A 177 -0.16 2.94 -3.13
C LEU A 177 -1.11 1.96 -3.82
N GLY A 178 -2.40 2.03 -3.50
CA GLY A 178 -3.36 1.11 -4.07
C GLY A 178 -3.46 1.22 -5.57
N ALA A 179 -3.07 2.38 -6.09
CA ALA A 179 -3.07 2.60 -7.53
C ALA A 179 -2.12 1.62 -8.19
N LYS A 180 -0.97 1.43 -7.56
CA LYS A 180 0.09 0.60 -8.12
C LYS A 180 -0.07 -0.88 -7.79
N GLY A 181 -1.21 -1.24 -7.19
CA GLY A 181 -1.51 -2.62 -6.84
C GLY A 181 -1.04 -3.04 -5.46
N VAL A 182 -0.37 -2.12 -4.75
CA VAL A 182 0.15 -2.37 -3.39
C VAL A 182 -0.94 -2.34 -2.33
N ARG A 183 -0.89 -3.27 -1.40
CA ARG A 183 -1.85 -3.35 -0.32
C ARG A 183 -1.18 -2.93 0.97
N VAL A 184 -1.96 -2.34 1.88
CA VAL A 184 -1.44 -1.87 3.16
C VAL A 184 -2.38 -2.28 4.30
N ASN A 185 -1.86 -2.95 5.31
CA ASN A 185 -2.73 -3.43 6.37
C ASN A 185 -2.05 -3.35 7.71
N ALA A 186 -2.85 -3.42 8.78
CA ALA A 186 -2.27 -3.47 10.13
C ALA A 186 -2.89 -4.63 10.86
N ILE A 187 -2.14 -5.23 11.78
CA ILE A 187 -2.70 -6.21 12.69
C ILE A 187 -2.79 -5.60 14.08
N SER A 188 -3.96 -5.66 14.70
CA SER A 188 -4.06 -5.22 16.07
C SER A 188 -3.86 -6.40 17.01
N ALA A 189 -2.68 -6.50 17.61
CA ALA A 189 -2.35 -7.66 18.41
C ALA A 189 -2.76 -7.52 19.86
N GLY A 190 -3.00 -8.66 20.50
CA GLY A 190 -3.23 -8.73 21.93
C GLY A 190 -1.91 -8.74 22.67
N PRO A 191 -1.96 -8.60 24.00
CA PRO A 191 -0.80 -8.51 24.89
C PRO A 191 0.14 -9.70 24.74
N ILE A 192 1.40 -9.44 24.40
CA ILE A 192 2.40 -10.50 24.29
C ILE A 192 3.69 -10.09 24.97
N LYS A 193 4.16 -10.92 25.90
CA LYS A 193 5.32 -10.56 26.71
C LYS A 193 6.61 -10.45 25.89
N THR A 194 6.90 -9.22 25.45
CA THR A 194 8.12 -8.96 24.69
C THR A 194 8.99 -7.96 25.41
N LEU A 195 10.18 -7.69 24.86
CA LEU A 195 11.05 -6.70 25.46
C LEU A 195 10.36 -5.34 25.58
N ALA A 196 9.79 -4.87 24.47
CA ALA A 196 9.04 -3.62 24.46
C ALA A 196 7.98 -3.60 25.56
N ALA A 197 7.42 -4.76 25.88
CA ALA A 197 6.33 -4.86 26.86
C ALA A 197 6.82 -4.68 28.29
N SER A 198 8.13 -4.60 28.46
CA SER A 198 8.71 -4.45 29.79
C SER A 198 8.41 -3.09 30.39
N GLY A 199 8.18 -2.11 29.52
CA GLY A 199 7.97 -0.73 29.94
C GLY A 199 6.54 -0.40 30.34
N ILE A 200 5.64 -1.36 30.14
CA ILE A 200 4.26 -1.20 30.55
C ILE A 200 4.07 -1.81 31.92
N LYS A 201 4.05 -0.96 32.94
CA LYS A 201 3.87 -1.44 34.30
C LYS A 201 2.57 -2.22 34.32
N SER A 202 2.46 -3.14 35.28
CA SER A 202 1.24 -3.94 35.37
C SER A 202 0.83 -4.52 34.01
N PHE A 203 1.81 -4.73 33.14
CA PHE A 203 1.59 -5.48 31.91
C PHE A 203 1.02 -6.82 32.30
N GLY A 204 1.49 -7.31 33.45
CA GLY A 204 1.07 -8.60 33.97
C GLY A 204 -0.38 -8.58 34.37
N LYS A 205 -0.84 -7.41 34.79
CA LYS A 205 -2.23 -7.24 35.18
C LYS A 205 -3.12 -7.34 33.95
N ILE A 206 -2.79 -6.56 32.91
CA ILE A 206 -3.49 -6.63 31.63
C ILE A 206 -3.51 -8.04 31.02
N LEU A 207 -2.33 -8.62 30.90
CA LEU A 207 -2.23 -9.97 30.35
C LEU A 207 -3.14 -10.95 31.10
N ASP A 208 -3.15 -10.88 32.43
CA ASP A 208 -4.03 -11.75 33.21
C ASP A 208 -5.50 -11.44 32.96
N PHE A 209 -5.81 -10.15 32.86
CA PHE A 209 -7.19 -9.73 32.68
C PHE A 209 -7.73 -10.28 31.39
N VAL A 210 -6.95 -10.13 30.32
CA VAL A 210 -7.33 -10.59 28.98
C VAL A 210 -7.52 -12.10 28.91
N GLU A 211 -6.70 -12.82 29.63
CA GLU A 211 -6.81 -14.26 29.65
C GLU A 211 -8.10 -14.67 30.36
N SER A 212 -8.59 -13.79 31.21
CA SER A 212 -9.80 -14.10 31.96
C SER A 212 -11.04 -13.80 31.13
N ASN A 213 -10.95 -12.76 30.29
CA ASN A 213 -12.16 -12.19 29.69
C ASN A 213 -12.32 -12.27 28.17
N SER A 214 -11.20 -12.39 27.45
CA SER A 214 -11.27 -12.72 26.04
C SER A 214 -12.32 -13.82 25.79
N PRO A 215 -13.03 -13.74 24.65
CA PRO A 215 -14.00 -14.78 24.30
C PRO A 215 -13.36 -16.18 24.24
N LEU A 216 -12.16 -16.28 23.67
CA LEU A 216 -11.44 -17.53 23.63
C LEU A 216 -10.77 -17.88 24.97
N LYS A 217 -10.84 -16.99 25.93
CA LYS A 217 -10.35 -17.26 27.27
C LYS A 217 -8.87 -17.61 27.35
N ARG A 218 -8.06 -17.10 26.42
CA ARG A 218 -6.62 -17.36 26.45
C ARG A 218 -5.86 -16.20 25.83
N ASN A 219 -4.56 -16.15 26.05
CA ASN A 219 -3.73 -15.10 25.45
C ASN A 219 -3.23 -15.49 24.07
N VAL A 220 -2.81 -14.52 23.27
CA VAL A 220 -2.33 -14.82 21.93
C VAL A 220 -0.83 -15.09 21.98
N THR A 221 -0.27 -15.53 20.87
CA THR A 221 1.16 -15.82 20.78
C THR A 221 1.70 -15.28 19.48
N ILE A 222 3.01 -15.13 19.40
CA ILE A 222 3.60 -14.59 18.19
C ILE A 222 3.42 -15.52 16.98
N GLU A 223 3.14 -16.79 17.23
CA GLU A 223 2.83 -17.73 16.15
C GLU A 223 1.47 -17.43 15.55
N GLN A 224 0.48 -17.22 16.42
CA GLN A 224 -0.84 -16.81 15.98
C GLN A 224 -0.77 -15.51 15.19
N VAL A 225 0.01 -14.56 15.68
CA VAL A 225 0.16 -13.29 15.01
C VAL A 225 0.97 -13.48 13.76
N GLY A 226 2.06 -14.24 13.88
CA GLY A 226 2.87 -14.66 12.73
C GLY A 226 2.00 -15.22 11.62
N ASN A 227 1.08 -16.14 11.96
CA ASN A 227 0.24 -16.78 10.96
C ASN A 227 -0.71 -15.84 10.20
N ALA A 228 -1.32 -14.91 10.93
CA ALA A 228 -2.17 -13.89 10.32
C ALA A 228 -1.37 -12.96 9.40
N GLY A 229 -0.16 -12.63 9.82
CA GLY A 229 0.68 -11.74 9.03
C GLY A 229 1.09 -12.34 7.71
N ALA A 230 1.45 -13.63 7.72
CA ALA A 230 1.81 -14.33 6.50
C ALA A 230 0.66 -14.22 5.53
N PHE A 231 -0.54 -14.49 6.03
CA PHE A 231 -1.76 -14.32 5.25
C PHE A 231 -1.84 -12.95 4.58
N LEU A 232 -1.71 -11.89 5.37
CA LEU A 232 -1.88 -10.54 4.86
C LEU A 232 -0.78 -10.17 3.88
N LEU A 233 0.39 -10.76 4.08
CA LEU A 233 1.52 -10.53 3.19
C LEU A 233 1.33 -11.33 1.90
N SER A 234 0.47 -12.34 1.95
CA SER A 234 0.26 -13.26 0.84
CA SER A 234 0.30 -13.22 0.79
C SER A 234 -0.85 -12.82 -0.12
N ASP A 235 -0.94 -13.50 -1.24
CA ASP A 235 -1.92 -13.19 -2.29
C ASP A 235 -3.29 -13.80 -2.01
N LEU A 236 -3.37 -14.65 -1.00
CA LEU A 236 -4.67 -15.02 -0.44
C LEU A 236 -5.44 -13.76 -0.02
N ALA A 237 -4.73 -12.78 0.55
CA ALA A 237 -5.35 -11.53 0.98
C ALA A 237 -5.33 -10.46 -0.10
N SER A 238 -5.38 -10.89 -1.36
CA SER A 238 -5.32 -9.95 -2.46
C SER A 238 -6.53 -9.02 -2.56
N GLY A 239 -7.60 -9.32 -1.83
CA GLY A 239 -8.73 -8.41 -1.77
C GLY A 239 -8.76 -7.54 -0.51
N VAL A 240 -7.73 -7.67 0.32
CA VAL A 240 -7.68 -7.00 1.61
C VAL A 240 -6.64 -5.90 1.67
N THR A 241 -7.12 -4.65 1.66
CA THR A 241 -6.27 -3.49 1.92
C THR A 241 -6.94 -2.54 2.92
N ALA A 242 -6.13 -1.73 3.58
CA ALA A 242 -6.62 -0.73 4.52
C ALA A 242 -7.27 -1.30 5.75
N GLU A 243 -7.18 -2.62 5.94
CA GLU A 243 -7.81 -3.23 7.09
C GLU A 243 -6.94 -3.10 8.33
N VAL A 244 -7.57 -3.07 9.49
CA VAL A 244 -6.87 -3.22 10.75
C VAL A 244 -7.40 -4.49 11.39
N MET A 245 -6.60 -5.54 11.39
CA MET A 245 -7.14 -6.83 11.76
C MET A 245 -6.82 -7.22 13.20
N HIS A 246 -7.83 -7.33 14.03
CA HIS A 246 -7.62 -7.73 15.41
C HIS A 246 -7.22 -9.18 15.47
N VAL A 247 -6.14 -9.45 16.20
CA VAL A 247 -5.74 -10.80 16.54
C VAL A 247 -5.46 -10.83 18.04
N ASP A 248 -6.49 -11.11 18.83
CA ASP A 248 -6.40 -10.92 20.28
C ASP A 248 -7.39 -11.79 21.02
N SER A 249 -7.60 -13.02 20.56
CA SER A 249 -8.62 -13.90 21.11
C SER A 249 -10.00 -13.22 21.23
N GLY A 250 -10.23 -12.18 20.43
CA GLY A 250 -11.52 -11.52 20.39
C GLY A 250 -11.76 -10.47 21.46
N PHE A 251 -10.71 -10.05 22.15
CA PHE A 251 -10.83 -9.20 23.32
C PHE A 251 -11.52 -7.85 23.05
N ASN A 252 -11.17 -7.22 21.93
CA ASN A 252 -11.79 -5.95 21.56
C ASN A 252 -13.31 -5.96 21.57
N ALA A 253 -13.89 -7.16 21.45
CA ALA A 253 -15.31 -7.29 21.16
C ALA A 253 -16.21 -7.36 22.39
N VAL A 254 -15.61 -7.64 23.54
CA VAL A 254 -16.38 -7.76 24.77
C VAL A 254 -16.23 -6.55 25.70
N VAL A 255 -17.01 -6.55 26.77
CA VAL A 255 -16.72 -5.72 27.91
C VAL A 255 -16.46 -6.63 29.10
N GLY A 256 -15.21 -6.69 29.52
CA GLY A 256 -14.82 -7.69 30.51
C GLY A 256 -14.89 -7.25 31.95
N GLY A 257 -14.89 -8.24 32.85
CA GLY A 257 -14.78 -7.99 34.28
C GLY A 257 -16.07 -7.66 34.98
N MET A 258 -17.19 -8.20 34.50
CA MET A 258 -18.48 -7.96 35.13
C MET A 258 -19.26 -9.25 35.38
N GLY B 2 -2.53 -28.65 2.51
CA GLY B 2 -2.69 -27.23 2.79
C GLY B 2 -3.28 -26.95 4.17
N PHE B 3 -3.59 -25.69 4.43
CA PHE B 3 -3.97 -25.28 5.78
C PHE B 3 -5.38 -25.69 6.21
N LEU B 4 -6.06 -26.48 5.38
CA LEU B 4 -7.34 -27.01 5.77
C LEU B 4 -7.34 -28.54 5.76
N ASP B 5 -6.16 -29.13 5.54
CA ASP B 5 -6.04 -30.60 5.48
C ASP B 5 -6.88 -31.33 6.52
N GLY B 6 -7.82 -32.13 6.04
CA GLY B 6 -8.58 -33.01 6.91
C GLY B 6 -9.72 -32.36 7.66
N LYS B 7 -9.92 -31.07 7.46
CA LYS B 7 -11.02 -30.38 8.10
C LYS B 7 -12.34 -30.66 7.38
N ARG B 8 -13.39 -30.89 8.15
CA ARG B 8 -14.69 -31.16 7.56
C ARG B 8 -15.59 -29.93 7.69
N ILE B 9 -15.96 -29.37 6.54
CA ILE B 9 -16.69 -28.12 6.52
C ILE B 9 -18.02 -28.19 5.81
N LEU B 10 -19.06 -27.75 6.50
CA LEU B 10 -20.41 -27.69 5.96
C LEU B 10 -20.66 -26.33 5.36
N LEU B 11 -21.03 -26.29 4.08
CA LEU B 11 -21.28 -25.03 3.38
C LEU B 11 -22.73 -24.88 3.01
N THR B 12 -23.29 -23.71 3.34
CA THR B 12 -24.63 -23.37 2.94
C THR B 12 -24.59 -22.28 1.88
N GLY B 13 -25.73 -22.01 1.25
CA GLY B 13 -25.86 -20.88 0.35
C GLY B 13 -25.20 -21.03 -1.00
N LEU B 14 -24.76 -22.24 -1.32
CA LEU B 14 -24.21 -22.51 -2.64
C LEU B 14 -25.35 -22.74 -3.64
N LEU B 15 -25.53 -21.78 -4.54
CA LEU B 15 -26.69 -21.74 -5.43
C LEU B 15 -26.27 -21.74 -6.88
N SER B 16 -25.37 -20.83 -7.25
CA SER B 16 -24.83 -20.87 -8.59
C SER B 16 -23.31 -20.97 -8.52
N ASN B 17 -22.67 -20.92 -9.68
CA ASN B 17 -21.22 -20.94 -9.77
C ASN B 17 -20.69 -19.53 -9.63
N ARG B 18 -21.59 -18.60 -9.33
CA ARG B 18 -21.21 -17.22 -9.08
C ARG B 18 -21.37 -16.90 -7.60
N SER B 19 -22.05 -17.79 -6.89
CA SER B 19 -22.22 -17.64 -5.45
C SER B 19 -20.93 -17.40 -4.72
N ILE B 20 -21.00 -16.63 -3.64
CA ILE B 20 -19.84 -16.43 -2.79
C ILE B 20 -19.47 -17.78 -2.19
N ALA B 21 -20.48 -18.55 -1.80
CA ALA B 21 -20.26 -19.84 -1.20
C ALA B 21 -19.50 -20.80 -2.17
N TYR B 22 -19.57 -20.49 -3.46
CA TYR B 22 -18.87 -21.29 -4.45
C TYR B 22 -17.36 -21.08 -4.38
N GLY B 23 -16.93 -19.82 -4.38
CA GLY B 23 -15.53 -19.45 -4.28
C GLY B 23 -14.90 -19.89 -2.97
N ILE B 24 -15.72 -20.01 -1.94
CA ILE B 24 -15.21 -20.46 -0.65
C ILE B 24 -15.03 -21.98 -0.65
N ALA B 25 -15.88 -22.68 -1.38
CA ALA B 25 -15.72 -24.12 -1.53
C ALA B 25 -14.44 -24.43 -2.29
N LYS B 26 -14.25 -23.76 -3.43
CA LYS B 26 -13.05 -23.98 -4.23
C LYS B 26 -11.85 -23.79 -3.34
N ALA B 27 -11.77 -22.64 -2.68
CA ALA B 27 -10.64 -22.31 -1.83
C ALA B 27 -10.42 -23.37 -0.75
N CYS B 28 -11.51 -23.87 -0.18
CA CYS B 28 -11.40 -24.87 0.87
C CYS B 28 -10.93 -26.21 0.30
N LYS B 29 -11.59 -26.68 -0.74
CA LYS B 29 -11.18 -27.92 -1.38
C LYS B 29 -9.70 -27.81 -1.69
N ARG B 30 -9.35 -26.75 -2.40
CA ARG B 30 -7.98 -26.50 -2.80
C ARG B 30 -6.99 -26.54 -1.64
N GLU B 31 -7.49 -26.47 -0.41
CA GLU B 31 -6.58 -26.47 0.73
C GLU B 31 -6.68 -27.74 1.58
N GLY B 32 -7.34 -28.76 1.04
CA GLY B 32 -7.40 -30.06 1.68
C GLY B 32 -8.67 -30.31 2.47
N ALA B 33 -9.65 -29.44 2.31
CA ALA B 33 -10.88 -29.56 3.07
C ALA B 33 -11.78 -30.66 2.51
N GLU B 34 -12.63 -31.19 3.38
CA GLU B 34 -13.66 -32.14 2.99
C GLU B 34 -15.00 -31.45 3.19
N LEU B 35 -15.84 -31.44 2.16
CA LEU B 35 -17.00 -30.58 2.15
C LEU B 35 -18.34 -31.31 2.20
N ALA B 36 -19.33 -30.61 2.75
CA ALA B 36 -20.74 -31.04 2.71
C ALA B 36 -21.56 -29.80 2.40
N PHE B 37 -22.73 -29.98 1.79
CA PHE B 37 -23.49 -28.84 1.31
C PHE B 37 -24.94 -28.88 1.69
N THR B 38 -25.59 -27.71 1.64
CA THR B 38 -27.04 -27.65 1.83
C THR B 38 -27.73 -27.03 0.62
N TYR B 39 -29.04 -27.24 0.56
CA TYR B 39 -29.86 -26.63 -0.48
C TYR B 39 -31.26 -26.36 0.07
N VAL B 40 -32.02 -25.54 -0.63
CA VAL B 40 -33.38 -25.26 -0.22
C VAL B 40 -34.40 -25.78 -1.22
N GLY B 41 -35.32 -26.61 -0.75
CA GLY B 41 -36.37 -27.12 -1.61
C GLY B 41 -35.91 -28.33 -2.40
N ASP B 42 -36.86 -29.19 -2.73
CA ASP B 42 -36.56 -30.43 -3.42
C ASP B 42 -36.14 -30.19 -4.88
N ARG B 43 -36.43 -28.99 -5.39
CA ARG B 43 -36.21 -28.68 -6.81
C ARG B 43 -34.80 -28.16 -7.12
N PHE B 44 -33.94 -28.14 -6.11
CA PHE B 44 -32.54 -27.78 -6.27
C PHE B 44 -31.66 -28.98 -5.92
N LYS B 45 -32.28 -29.99 -5.34
CA LYS B 45 -31.62 -31.24 -4.94
C LYS B 45 -30.67 -31.77 -5.99
N ASP B 46 -31.01 -31.58 -7.26
CA ASP B 46 -30.21 -32.12 -8.35
C ASP B 46 -28.98 -31.27 -8.68
N ARG B 47 -29.13 -29.96 -8.63
CA ARG B 47 -28.02 -29.04 -8.94
C ARG B 47 -26.88 -29.11 -7.93
N ILE B 48 -27.25 -29.16 -6.64
CA ILE B 48 -26.27 -29.18 -5.55
C ILE B 48 -25.50 -30.49 -5.54
N THR B 49 -26.16 -31.56 -6.00
CA THR B 49 -25.52 -32.87 -6.09
C THR B 49 -24.36 -32.87 -7.08
N GLU B 50 -24.54 -32.19 -8.22
CA GLU B 50 -23.44 -31.96 -9.16
C GLU B 50 -22.33 -31.17 -8.49
N PHE B 51 -22.66 -29.95 -8.09
CA PHE B 51 -21.70 -29.09 -7.40
C PHE B 51 -20.90 -29.85 -6.35
N ALA B 52 -21.58 -30.71 -5.58
CA ALA B 52 -20.91 -31.48 -4.53
C ALA B 52 -19.95 -32.49 -5.13
N ALA B 53 -20.37 -33.12 -6.21
CA ALA B 53 -19.51 -34.03 -6.95
C ALA B 53 -18.24 -33.31 -7.38
N GLU B 54 -18.39 -32.09 -7.88
CA GLU B 54 -17.25 -31.31 -8.35
C GLU B 54 -16.22 -31.02 -7.26
N PHE B 55 -16.62 -31.17 -6.00
CA PHE B 55 -15.69 -31.02 -4.89
C PHE B 55 -15.51 -32.33 -4.15
N GLY B 56 -15.69 -33.43 -4.88
CA GLY B 56 -15.46 -34.76 -4.33
C GLY B 56 -16.35 -35.10 -3.15
N SER B 57 -17.50 -34.43 -3.07
CA SER B 57 -18.43 -34.68 -1.98
C SER B 57 -19.68 -35.40 -2.47
N GLU B 58 -20.25 -36.21 -1.59
CA GLU B 58 -21.48 -36.90 -1.90
C GLU B 58 -22.52 -36.56 -0.83
N LEU B 59 -22.29 -35.45 -0.12
CA LEU B 59 -23.15 -35.08 0.99
C LEU B 59 -23.93 -33.81 0.69
N VAL B 60 -25.22 -33.95 0.43
CA VAL B 60 -26.09 -32.81 0.19
C VAL B 60 -27.31 -32.90 1.10
N PHE B 61 -27.70 -31.79 1.69
CA PHE B 61 -28.82 -31.81 2.64
C PHE B 61 -29.73 -30.61 2.49
N PRO B 62 -31.05 -30.86 2.50
CA PRO B 62 -32.02 -29.77 2.42
C PRO B 62 -32.05 -29.01 3.73
N CYS B 63 -32.19 -27.70 3.64
CA CYS B 63 -32.35 -26.91 4.84
C CYS B 63 -32.94 -25.54 4.56
N ASP B 64 -34.24 -25.43 4.77
CA ASP B 64 -34.90 -24.14 4.73
C ASP B 64 -34.70 -23.53 6.11
N VAL B 65 -33.86 -22.53 6.22
CA VAL B 65 -33.55 -22.00 7.54
C VAL B 65 -34.77 -21.36 8.19
N ALA B 66 -35.90 -21.36 7.47
CA ALA B 66 -37.15 -20.86 8.00
C ALA B 66 -37.86 -21.91 8.84
N ASP B 67 -37.38 -23.15 8.80
CA ASP B 67 -38.05 -24.27 9.44
C ASP B 67 -37.17 -24.92 10.53
N ASP B 68 -37.56 -24.73 11.79
CA ASP B 68 -36.92 -25.43 12.89
C ASP B 68 -36.67 -26.91 12.54
N ALA B 69 -37.65 -27.55 11.90
CA ALA B 69 -37.56 -28.96 11.55
C ALA B 69 -36.32 -29.32 10.72
N GLN B 70 -36.12 -28.60 9.61
CA GLN B 70 -35.04 -28.92 8.70
C GLN B 70 -33.66 -28.64 9.29
N ILE B 71 -33.52 -27.51 9.97
CA ILE B 71 -32.29 -27.16 10.67
C ILE B 71 -31.88 -28.29 11.62
N ASP B 72 -32.86 -28.89 12.30
CA ASP B 72 -32.56 -29.99 13.21
C ASP B 72 -32.27 -31.29 12.44
N ALA B 73 -33.05 -31.53 11.40
CA ALA B 73 -32.86 -32.70 10.54
C ALA B 73 -31.48 -32.65 9.97
N LEU B 74 -31.09 -31.46 9.52
CA LEU B 74 -29.79 -31.25 8.89
C LEU B 74 -28.62 -31.84 9.69
N PHE B 75 -28.58 -31.55 10.98
CA PHE B 75 -27.44 -31.97 11.81
C PHE B 75 -27.58 -33.37 12.36
N ALA B 76 -28.81 -33.87 12.40
CA ALA B 76 -29.03 -35.29 12.68
C ALA B 76 -28.48 -36.12 11.54
N SER B 77 -28.92 -35.79 10.32
CA SER B 77 -28.44 -36.47 9.12
C SER B 77 -26.92 -36.44 9.10
N LEU B 78 -26.38 -35.23 9.06
CA LEU B 78 -24.94 -35.03 9.00
C LEU B 78 -24.17 -35.85 10.01
N LYS B 79 -24.73 -35.99 11.20
CA LYS B 79 -24.07 -36.70 12.29
C LYS B 79 -23.74 -38.16 11.95
N THR B 80 -24.60 -38.80 11.15
CA THR B 80 -24.39 -40.19 10.80
C THR B 80 -23.22 -40.37 9.84
N HIS B 81 -22.90 -39.32 9.09
CA HIS B 81 -21.77 -39.35 8.17
C HIS B 81 -20.50 -38.83 8.86
N TRP B 82 -20.56 -37.60 9.35
CA TRP B 82 -19.41 -37.05 10.06
C TRP B 82 -19.56 -37.18 11.57
N ASP B 83 -18.48 -37.59 12.21
CA ASP B 83 -18.42 -37.74 13.66
C ASP B 83 -18.48 -36.35 14.30
N SER B 84 -17.77 -35.40 13.70
CA SER B 84 -17.78 -34.06 14.23
C SER B 84 -17.63 -33.03 13.12
N LEU B 85 -17.94 -31.78 13.43
CA LEU B 85 -17.90 -30.69 12.46
C LEU B 85 -16.75 -29.75 12.78
N ASP B 86 -16.01 -29.33 11.76
CA ASP B 86 -14.84 -28.48 11.95
C ASP B 86 -15.04 -27.04 11.45
N GLY B 87 -16.02 -26.84 10.58
CA GLY B 87 -16.30 -25.54 10.03
C GLY B 87 -17.69 -25.45 9.44
N LEU B 88 -18.36 -24.33 9.69
CA LEU B 88 -19.66 -24.07 9.09
C LEU B 88 -19.67 -22.71 8.40
N VAL B 89 -20.09 -22.69 7.14
CA VAL B 89 -20.20 -21.44 6.41
C VAL B 89 -21.65 -21.07 6.16
N HIS B 90 -22.03 -19.89 6.64
CA HIS B 90 -23.38 -19.35 6.54
C HIS B 90 -23.37 -18.31 5.43
N SER B 91 -23.86 -18.67 4.25
CA SER B 91 -23.77 -17.78 3.10
C SER B 91 -25.19 -17.51 2.67
N ILE B 92 -26.02 -17.11 3.65
CA ILE B 92 -27.46 -17.04 3.46
C ILE B 92 -28.02 -15.65 3.70
N GLY B 93 -28.69 -15.11 2.69
CA GLY B 93 -29.37 -13.83 2.82
C GLY B 93 -30.66 -13.83 2.01
N PHE B 94 -31.65 -13.06 2.48
CA PHE B 94 -32.91 -12.87 1.76
C PHE B 94 -33.77 -11.76 2.34
N ALA B 95 -34.42 -11.03 1.44
CA ALA B 95 -35.40 -10.04 1.84
C ALA B 95 -36.46 -9.91 0.75
N PRO B 96 -37.75 -9.85 1.15
CA PRO B 96 -38.82 -9.56 0.19
C PRO B 96 -38.35 -8.48 -0.77
N ARG B 97 -38.77 -8.52 -2.03
CA ARG B 97 -38.26 -7.59 -3.02
C ARG B 97 -38.56 -6.12 -2.72
N GLU B 98 -39.70 -5.83 -2.09
CA GLU B 98 -40.03 -4.45 -1.73
C GLU B 98 -39.00 -3.86 -0.77
N ALA B 99 -38.52 -4.69 0.15
CA ALA B 99 -37.70 -4.23 1.27
C ALA B 99 -36.29 -3.81 0.86
N ILE B 100 -35.93 -4.10 -0.39
CA ILE B 100 -34.61 -3.76 -0.90
C ILE B 100 -34.73 -2.99 -2.21
N ALA B 101 -35.86 -2.31 -2.37
CA ALA B 101 -36.13 -1.49 -3.54
C ALA B 101 -36.52 -0.07 -3.13
N GLY B 102 -35.83 0.91 -3.69
CA GLY B 102 -36.21 2.30 -3.54
C GLY B 102 -36.14 2.84 -2.13
N ASP B 103 -37.23 3.50 -1.71
CA ASP B 103 -37.30 4.18 -0.43
C ASP B 103 -37.37 3.18 0.73
N PHE B 104 -36.54 3.41 1.74
CA PHE B 104 -36.51 2.59 2.95
C PHE B 104 -37.89 2.41 3.59
N LEU B 105 -38.53 3.53 3.92
CA LEU B 105 -39.85 3.51 4.55
C LEU B 105 -40.94 2.98 3.64
N ASP B 106 -40.75 3.09 2.33
CA ASP B 106 -41.77 2.60 1.41
C ASP B 106 -41.81 1.08 1.36
N GLY B 107 -40.69 0.43 1.63
CA GLY B 107 -40.64 -1.02 1.62
C GLY B 107 -40.79 -1.63 3.00
N LEU B 108 -41.00 -0.78 4.00
CA LEU B 108 -41.08 -1.24 5.38
C LEU B 108 -42.46 -1.77 5.74
N THR B 109 -42.50 -2.95 6.35
CA THR B 109 -43.73 -3.53 6.91
C THR B 109 -43.30 -4.56 7.94
N ARG B 110 -44.11 -4.71 8.99
CA ARG B 110 -43.75 -5.66 10.06
C ARG B 110 -43.36 -7.01 9.48
N GLU B 111 -43.96 -7.35 8.34
CA GLU B 111 -43.77 -8.66 7.73
C GLU B 111 -42.42 -8.79 7.03
N ASN B 112 -42.10 -7.82 6.17
CA ASN B 112 -40.81 -7.80 5.51
C ASN B 112 -39.70 -7.82 6.54
N PHE B 113 -39.76 -6.87 7.48
CA PHE B 113 -38.77 -6.81 8.54
C PHE B 113 -38.60 -8.19 9.17
N ARG B 114 -39.70 -8.78 9.60
CA ARG B 114 -39.63 -10.08 10.27
C ARG B 114 -38.86 -11.09 9.43
N ILE B 115 -39.19 -11.11 8.14
CA ILE B 115 -38.67 -12.13 7.25
C ILE B 115 -37.18 -11.96 7.03
N ALA B 116 -36.78 -10.75 6.69
CA ALA B 116 -35.38 -10.45 6.44
C ALA B 116 -34.52 -10.75 7.66
N HIS B 117 -35.05 -10.48 8.85
CA HIS B 117 -34.34 -10.74 10.08
C HIS B 117 -34.34 -12.20 10.45
N ASP B 118 -35.46 -12.87 10.20
CA ASP B 118 -35.55 -14.30 10.44
C ASP B 118 -34.51 -15.04 9.63
N ILE B 119 -34.46 -14.76 8.33
CA ILE B 119 -33.64 -15.56 7.42
C ILE B 119 -32.17 -15.15 7.40
N SER B 120 -31.91 -13.85 7.34
CA SER B 120 -30.55 -13.35 7.17
C SER B 120 -29.79 -13.23 8.48
N ALA B 121 -30.51 -13.01 9.56
CA ALA B 121 -29.84 -12.78 10.84
C ALA B 121 -29.98 -13.96 11.80
N TYR B 122 -31.21 -14.26 12.19
CA TYR B 122 -31.45 -15.32 13.15
C TYR B 122 -30.82 -16.65 12.75
N SER B 123 -30.84 -16.95 11.46
CA SER B 123 -30.48 -18.28 11.01
C SER B 123 -29.06 -18.66 11.42
N PHE B 124 -28.16 -17.67 11.49
CA PHE B 124 -26.75 -17.93 11.77
C PHE B 124 -26.51 -18.51 13.16
N PRO B 125 -26.92 -17.80 14.21
CA PRO B 125 -26.83 -18.40 15.54
C PRO B 125 -27.79 -19.59 15.71
N ALA B 126 -28.88 -19.60 14.94
CA ALA B 126 -29.78 -20.74 14.94
C ALA B 126 -29.00 -22.00 14.61
N LEU B 127 -28.38 -22.00 13.43
CA LEU B 127 -27.55 -23.11 12.98
C LEU B 127 -26.48 -23.46 14.00
N ALA B 128 -25.88 -22.44 14.60
CA ALA B 128 -24.82 -22.67 15.58
C ALA B 128 -25.33 -23.51 16.74
N LYS B 129 -26.43 -23.08 17.37
CA LYS B 129 -26.98 -23.84 18.47
C LYS B 129 -27.21 -25.26 18.01
N ALA B 130 -27.64 -25.39 16.76
CA ALA B 130 -28.05 -26.67 16.19
C ALA B 130 -26.85 -27.54 15.79
N ALA B 131 -25.65 -26.97 15.85
CA ALA B 131 -24.42 -27.70 15.53
C ALA B 131 -23.61 -27.90 16.79
N LEU B 132 -23.87 -27.08 17.79
CA LEU B 132 -23.11 -27.13 19.03
C LEU B 132 -22.72 -28.56 19.40
N PRO B 133 -23.70 -29.48 19.44
CA PRO B 133 -23.48 -30.90 19.76
C PRO B 133 -22.30 -31.57 19.02
N MET B 134 -22.21 -31.44 17.70
CA MET B 134 -21.16 -32.15 16.97
C MET B 134 -19.96 -31.28 16.59
N LEU B 135 -19.93 -30.03 17.05
CA LEU B 135 -18.80 -29.14 16.79
C LEU B 135 -17.54 -29.63 17.50
N SER B 136 -16.39 -29.40 16.88
CA SER B 136 -15.12 -29.80 17.45
C SER B 136 -14.54 -28.67 18.26
N ASP B 137 -13.34 -28.88 18.81
CA ASP B 137 -12.72 -27.90 19.71
C ASP B 137 -11.94 -26.79 18.99
N ASP B 138 -11.55 -27.02 17.76
CA ASP B 138 -10.83 -26.01 16.98
C ASP B 138 -11.77 -25.39 15.95
N ALA B 139 -13.04 -25.78 16.02
CA ALA B 139 -14.04 -25.40 15.02
C ALA B 139 -14.16 -23.89 14.81
N SER B 140 -14.66 -23.54 13.63
CA SER B 140 -14.70 -22.15 13.22
C SER B 140 -16.00 -21.88 12.49
N LEU B 141 -16.71 -20.84 12.91
CA LEU B 141 -17.92 -20.42 12.24
C LEU B 141 -17.64 -19.18 11.42
N LEU B 142 -18.27 -19.09 10.26
CA LEU B 142 -18.07 -17.94 9.40
C LEU B 142 -19.32 -17.55 8.65
N THR B 143 -19.69 -16.28 8.76
CA THR B 143 -20.85 -15.76 8.05
C THR B 143 -20.43 -14.63 7.12
N LEU B 144 -21.31 -14.30 6.19
CA LEU B 144 -21.06 -13.21 5.26
C LEU B 144 -21.88 -11.98 5.61
N SER B 145 -21.32 -10.80 5.42
CA SER B 145 -21.99 -9.55 5.75
C SER B 145 -21.66 -8.47 4.74
N TYR B 146 -22.10 -7.26 5.02
CA TYR B 146 -21.91 -6.18 4.07
C TYR B 146 -21.82 -4.80 4.74
N LEU B 147 -21.13 -3.87 4.08
CA LEU B 147 -20.82 -2.54 4.61
C LEU B 147 -22.09 -1.75 4.94
N GLY B 148 -23.20 -2.16 4.35
CA GLY B 148 -24.49 -1.54 4.58
C GLY B 148 -24.98 -1.74 5.98
N ALA B 149 -24.30 -2.55 6.78
CA ALA B 149 -24.67 -2.74 8.18
C ALA B 149 -24.21 -1.54 9.01
N GLU B 150 -23.15 -0.89 8.53
CA GLU B 150 -22.49 0.19 9.26
C GLU B 150 -22.75 1.56 8.64
N ARG B 151 -23.15 1.62 7.38
CA ARG B 151 -23.45 2.88 6.72
C ARG B 151 -24.62 2.75 5.74
N ALA B 152 -25.45 3.79 5.68
CA ALA B 152 -26.65 3.76 4.85
C ALA B 152 -26.31 3.71 3.36
N ILE B 153 -26.59 2.57 2.75
CA ILE B 153 -26.40 2.38 1.31
C ILE B 153 -27.75 2.42 0.60
N PRO B 154 -27.82 3.18 -0.50
CA PRO B 154 -29.05 3.18 -1.30
C PRO B 154 -29.57 1.77 -1.57
N ASN B 155 -30.89 1.62 -1.50
CA ASN B 155 -31.57 0.37 -1.81
C ASN B 155 -31.40 -0.76 -0.78
N TYR B 156 -30.32 -0.74 -0.01
CA TYR B 156 -30.08 -1.83 0.92
C TYR B 156 -31.17 -1.91 2.00
N ASN B 157 -31.52 -0.75 2.56
CA ASN B 157 -32.74 -0.63 3.39
C ASN B 157 -32.82 -1.62 4.55
N THR B 158 -33.84 -2.47 4.55
CA THR B 158 -34.03 -3.45 5.61
C THR B 158 -32.88 -4.46 5.69
N MET B 159 -32.26 -4.76 4.56
CA MET B 159 -31.11 -5.67 4.59
C MET B 159 -30.05 -5.10 5.51
N GLY B 160 -29.98 -3.77 5.57
CA GLY B 160 -29.06 -3.06 6.42
C GLY B 160 -29.20 -3.44 7.89
N LEU B 161 -30.43 -3.59 8.34
CA LEU B 161 -30.74 -3.90 9.74
C LEU B 161 -30.48 -5.36 10.09
N ALA B 162 -30.97 -6.28 9.26
CA ALA B 162 -30.58 -7.68 9.37
C ALA B 162 -29.07 -7.81 9.57
N LYS B 163 -28.32 -7.19 8.67
CA LYS B 163 -26.88 -7.31 8.68
C LYS B 163 -26.21 -6.72 9.93
N ALA B 164 -26.84 -5.74 10.54
CA ALA B 164 -26.33 -5.18 11.77
C ALA B 164 -26.58 -6.15 12.92
N ALA B 165 -27.79 -6.71 12.96
CA ALA B 165 -28.10 -7.78 13.91
C ALA B 165 -27.19 -9.01 13.71
N LEU B 166 -27.00 -9.43 12.45
CA LEU B 166 -26.12 -10.56 12.16
C LEU B 166 -24.73 -10.32 12.75
N GLU B 167 -24.19 -9.12 12.56
CA GLU B 167 -22.85 -8.82 13.00
C GLU B 167 -22.77 -8.75 14.52
N ALA B 168 -23.90 -8.46 15.16
CA ALA B 168 -23.89 -8.42 16.60
C ALA B 168 -23.89 -9.84 17.12
N SER B 169 -24.58 -10.72 16.42
CA SER B 169 -24.64 -12.13 16.81
C SER B 169 -23.25 -12.75 16.76
N VAL B 170 -22.44 -12.33 15.80
CA VAL B 170 -21.07 -12.80 15.72
C VAL B 170 -20.36 -12.61 17.04
N ARG B 171 -20.52 -11.43 17.64
CA ARG B 171 -19.87 -11.14 18.92
C ARG B 171 -20.45 -11.99 20.05
N TYR B 172 -21.77 -12.07 20.14
CA TYR B 172 -22.41 -12.86 21.19
C TYR B 172 -22.12 -14.35 20.99
N LEU B 173 -21.99 -14.77 19.74
CA LEU B 173 -21.62 -16.15 19.47
C LEU B 173 -20.21 -16.41 19.99
N ALA B 174 -19.27 -15.54 19.62
CA ALA B 174 -17.86 -15.73 19.98
C ALA B 174 -17.68 -15.92 21.47
N VAL B 175 -18.53 -15.27 22.25
CA VAL B 175 -18.47 -15.33 23.70
C VAL B 175 -19.05 -16.64 24.17
N SER B 176 -20.21 -16.97 23.64
CA SER B 176 -20.92 -18.18 23.99
C SER B 176 -20.10 -19.45 23.69
N LEU B 177 -19.50 -19.49 22.50
CA LEU B 177 -18.81 -20.69 22.04
C LEU B 177 -17.29 -20.65 22.26
N GLY B 178 -16.77 -19.48 22.56
CA GLY B 178 -15.35 -19.30 22.78
C GLY B 178 -14.85 -20.12 23.94
N ALA B 179 -15.73 -20.43 24.87
CA ALA B 179 -15.38 -21.26 26.01
C ALA B 179 -14.91 -22.63 25.52
N LYS B 180 -15.62 -23.15 24.53
CA LYS B 180 -15.36 -24.49 24.03
C LYS B 180 -14.29 -24.53 22.95
N GLY B 181 -13.61 -23.40 22.74
CA GLY B 181 -12.54 -23.31 21.76
C GLY B 181 -12.99 -22.93 20.36
N VAL B 182 -14.30 -22.76 20.18
CA VAL B 182 -14.89 -22.40 18.89
C VAL B 182 -14.71 -20.92 18.58
N ARG B 183 -14.37 -20.61 17.32
CA ARG B 183 -14.19 -19.25 16.85
C ARG B 183 -15.36 -18.85 15.94
N VAL B 184 -15.72 -17.57 15.99
CA VAL B 184 -16.80 -17.07 15.16
C VAL B 184 -16.40 -15.78 14.49
N ASN B 185 -16.59 -15.70 13.19
CA ASN B 185 -16.14 -14.53 12.45
C ASN B 185 -17.07 -14.22 11.29
N ALA B 186 -16.95 -13.02 10.76
CA ALA B 186 -17.73 -12.61 9.61
C ALA B 186 -16.81 -11.94 8.62
N ILE B 187 -17.10 -12.13 7.34
CA ILE B 187 -16.41 -11.38 6.31
C ILE B 187 -17.33 -10.31 5.74
N SER B 188 -16.83 -9.08 5.66
CA SER B 188 -17.63 -8.03 5.05
C SER B 188 -17.19 -7.88 3.60
N ALA B 189 -17.98 -8.45 2.70
CA ALA B 189 -17.59 -8.50 1.30
C ALA B 189 -17.98 -7.26 0.50
N GLY B 190 -17.21 -6.96 -0.54
CA GLY B 190 -17.55 -5.94 -1.51
C GLY B 190 -18.54 -6.48 -2.54
N PRO B 191 -19.08 -5.57 -3.37
CA PRO B 191 -20.13 -5.89 -4.35
C PRO B 191 -19.70 -6.99 -5.32
N ILE B 192 -20.45 -8.09 -5.38
CA ILE B 192 -20.16 -9.15 -6.33
C ILE B 192 -21.43 -9.62 -7.03
N LYS B 193 -21.39 -9.59 -8.36
CA LYS B 193 -22.58 -9.90 -9.15
C LYS B 193 -23.04 -11.34 -8.99
N THR B 194 -23.96 -11.55 -8.05
CA THR B 194 -24.53 -12.87 -7.81
C THR B 194 -26.03 -12.84 -8.04
N LEU B 195 -26.70 -13.97 -7.88
CA LEU B 195 -28.14 -14.02 -8.05
C LEU B 195 -28.83 -13.11 -7.05
N ALA B 196 -28.45 -13.23 -5.78
CA ALA B 196 -29.01 -12.36 -4.73
C ALA B 196 -28.85 -10.87 -5.09
N ALA B 197 -27.78 -10.55 -5.79
CA ALA B 197 -27.47 -9.16 -6.15
C ALA B 197 -28.39 -8.61 -7.24
N SER B 198 -29.21 -9.49 -7.81
CA SER B 198 -30.14 -9.08 -8.86
C SER B 198 -31.23 -8.15 -8.32
N GLY B 199 -31.52 -8.27 -7.03
CA GLY B 199 -32.62 -7.53 -6.42
C GLY B 199 -32.25 -6.13 -5.96
N ILE B 200 -30.96 -5.81 -6.07
CA ILE B 200 -30.49 -4.48 -5.73
C ILE B 200 -30.44 -3.66 -7.02
N LYS B 201 -31.44 -2.82 -7.23
CA LYS B 201 -31.46 -1.97 -8.40
C LYS B 201 -30.18 -1.16 -8.40
N SER B 202 -29.75 -0.71 -9.58
CA SER B 202 -28.53 0.08 -9.67
C SER B 202 -27.37 -0.58 -8.93
N PHE B 203 -27.42 -1.90 -8.80
CA PHE B 203 -26.28 -2.66 -8.32
C PHE B 203 -25.10 -2.33 -9.22
N GLY B 204 -25.41 -2.15 -10.50
CA GLY B 204 -24.41 -1.81 -11.49
C GLY B 204 -23.79 -0.46 -11.23
N LYS B 205 -24.57 0.44 -10.61
CA LYS B 205 -24.11 1.78 -10.26
C LYS B 205 -23.09 1.69 -9.13
N ILE B 206 -23.46 0.96 -8.07
CA ILE B 206 -22.57 0.72 -6.94
C ILE B 206 -21.27 0.06 -7.37
N LEU B 207 -21.40 -1.05 -8.06
CA LEU B 207 -20.25 -1.83 -8.51
C LEU B 207 -19.29 -0.93 -9.30
N ASP B 208 -19.83 -0.12 -10.20
CA ASP B 208 -18.98 0.80 -10.95
C ASP B 208 -18.33 1.82 -10.03
N PHE B 209 -19.11 2.33 -9.08
CA PHE B 209 -18.60 3.35 -8.18
C PHE B 209 -17.41 2.82 -7.41
N VAL B 210 -17.58 1.62 -6.86
CA VAL B 210 -16.54 1.00 -6.03
C VAL B 210 -15.25 0.75 -6.82
N GLU B 211 -15.41 0.40 -8.09
CA GLU B 211 -14.27 0.13 -8.94
C GLU B 211 -13.51 1.43 -9.20
N SER B 212 -14.21 2.55 -9.10
CA SER B 212 -13.62 3.84 -9.36
C SER B 212 -12.90 4.38 -8.12
N ASN B 213 -13.41 4.05 -6.95
CA ASN B 213 -12.96 4.73 -5.71
C ASN B 213 -12.26 3.89 -4.64
N SER B 214 -12.46 2.57 -4.67
CA SER B 214 -11.68 1.67 -3.82
C SER B 214 -10.20 2.03 -3.92
N PRO B 215 -9.47 1.90 -2.81
CA PRO B 215 -8.03 2.16 -2.82
C PRO B 215 -7.30 1.32 -3.87
N LEU B 216 -7.63 0.03 -3.98
CA LEU B 216 -7.05 -0.85 -5.02
C LEU B 216 -7.65 -0.63 -6.41
N LYS B 217 -8.65 0.24 -6.50
CA LYS B 217 -9.23 0.63 -7.78
C LYS B 217 -9.82 -0.52 -8.59
N ARG B 218 -10.31 -1.56 -7.92
CA ARG B 218 -10.89 -2.70 -8.67
C ARG B 218 -11.95 -3.36 -7.80
N ASN B 219 -12.77 -4.24 -8.40
CA ASN B 219 -13.80 -4.94 -7.65
C ASN B 219 -13.28 -6.25 -7.12
N VAL B 220 -13.93 -6.80 -6.10
CA VAL B 220 -13.47 -8.08 -5.54
C VAL B 220 -14.07 -9.25 -6.30
N THR B 221 -13.59 -10.46 -6.01
CA THR B 221 -14.12 -11.66 -6.64
C THR B 221 -14.37 -12.71 -5.58
N ILE B 222 -15.14 -13.74 -5.94
CA ILE B 222 -15.45 -14.79 -4.98
C ILE B 222 -14.20 -15.59 -4.63
N GLU B 223 -13.17 -15.50 -5.46
CA GLU B 223 -11.93 -16.20 -5.16
C GLU B 223 -11.20 -15.47 -4.05
N GLN B 224 -11.14 -14.15 -4.18
CA GLN B 224 -10.58 -13.31 -3.12
C GLN B 224 -11.31 -13.52 -1.80
N VAL B 225 -12.63 -13.49 -1.84
CA VAL B 225 -13.44 -13.81 -0.68
C VAL B 225 -13.30 -15.27 -0.23
N GLY B 226 -13.39 -16.20 -1.17
CA GLY B 226 -13.00 -17.60 -0.93
C GLY B 226 -11.69 -17.76 -0.15
N ASN B 227 -10.64 -17.10 -0.62
CA ASN B 227 -9.34 -17.20 0.02
C ASN B 227 -9.28 -16.71 1.45
N ALA B 228 -9.93 -15.59 1.75
CA ALA B 228 -10.00 -15.06 3.10
C ALA B 228 -10.80 -16.00 4.02
N GLY B 229 -11.84 -16.58 3.47
CA GLY B 229 -12.69 -17.49 4.22
C GLY B 229 -11.97 -18.74 4.65
N ALA B 230 -11.19 -19.32 3.74
CA ALA B 230 -10.41 -20.51 4.06
C ALA B 230 -9.52 -20.22 5.25
N PHE B 231 -8.83 -19.10 5.18
CA PHE B 231 -7.99 -18.58 6.27
C PHE B 231 -8.72 -18.55 7.61
N LEU B 232 -9.94 -18.02 7.60
CA LEU B 232 -10.67 -17.83 8.84
C LEU B 232 -11.16 -19.16 9.36
N LEU B 233 -11.45 -20.05 8.43
CA LEU B 233 -11.89 -21.39 8.77
C LEU B 233 -10.73 -22.21 9.28
N SER B 234 -9.52 -21.77 8.95
CA SER B 234 -8.31 -22.52 9.25
C SER B 234 -7.69 -22.18 10.60
N ASP B 235 -6.68 -22.96 10.98
CA ASP B 235 -6.01 -22.80 12.26
C ASP B 235 -4.91 -21.73 12.24
N LEU B 236 -4.61 -21.25 11.04
CA LEU B 236 -3.84 -20.03 10.88
C LEU B 236 -4.51 -18.90 11.67
N ALA B 237 -5.84 -18.84 11.60
CA ALA B 237 -6.60 -17.79 12.28
C ALA B 237 -7.00 -18.22 13.69
N SER B 238 -6.17 -19.03 14.33
CA SER B 238 -6.51 -19.54 15.65
C SER B 238 -6.53 -18.46 16.73
N GLY B 239 -6.02 -17.27 16.44
CA GLY B 239 -6.13 -16.17 17.39
C GLY B 239 -7.22 -15.18 17.03
N VAL B 240 -8.00 -15.50 16.00
CA VAL B 240 -8.98 -14.57 15.47
C VAL B 240 -10.40 -15.02 15.71
N THR B 241 -11.08 -14.35 16.63
CA THR B 241 -12.51 -14.59 16.86
C THR B 241 -13.21 -13.25 17.00
N ALA B 242 -14.51 -13.24 16.70
CA ALA B 242 -15.37 -12.06 16.85
C ALA B 242 -15.04 -10.94 15.85
N GLU B 243 -14.16 -11.23 14.89
CA GLU B 243 -13.77 -10.22 13.94
C GLU B 243 -14.81 -10.09 12.82
N VAL B 244 -14.96 -8.88 12.29
CA VAL B 244 -15.66 -8.68 11.04
C VAL B 244 -14.64 -8.18 10.03
N MET B 245 -14.26 -9.03 9.10
CA MET B 245 -13.12 -8.72 8.24
C MET B 245 -13.54 -8.18 6.88
N HIS B 246 -13.22 -6.93 6.60
CA HIS B 246 -13.55 -6.34 5.31
C HIS B 246 -12.68 -6.94 4.20
N VAL B 247 -13.33 -7.37 3.13
CA VAL B 247 -12.64 -7.81 1.94
C VAL B 247 -13.33 -7.15 0.75
N ASP B 248 -12.85 -5.97 0.39
CA ASP B 248 -13.58 -5.09 -0.52
C ASP B 248 -12.67 -4.10 -1.23
N SER B 249 -11.44 -4.53 -1.52
CA SER B 249 -10.41 -3.64 -2.05
C SER B 249 -10.22 -2.38 -1.20
N GLY B 250 -10.61 -2.42 0.06
CA GLY B 250 -10.41 -1.30 0.97
C GLY B 250 -11.47 -0.21 0.96
N PHE B 251 -12.62 -0.49 0.37
CA PHE B 251 -13.62 0.54 0.09
C PHE B 251 -14.18 1.24 1.33
N ASN B 252 -14.46 0.45 2.37
CA ASN B 252 -14.93 0.99 3.65
C ASN B 252 -14.08 2.13 4.18
N ALA B 253 -12.83 2.23 3.75
CA ALA B 253 -11.85 3.07 4.42
C ALA B 253 -11.75 4.48 3.85
N VAL B 254 -12.27 4.66 2.65
CA VAL B 254 -12.20 5.96 2.00
C VAL B 254 -13.54 6.70 2.02
N VAL B 255 -13.50 7.95 1.57
CA VAL B 255 -14.72 8.63 1.15
C VAL B 255 -14.62 8.93 -0.35
N GLY B 256 -15.40 8.22 -1.16
CA GLY B 256 -15.22 8.30 -2.59
C GLY B 256 -16.07 9.35 -3.30
N GLY B 257 -15.66 9.65 -4.53
CA GLY B 257 -16.43 10.50 -5.42
C GLY B 257 -16.22 11.99 -5.25
N MET B 258 -15.04 12.40 -4.81
CA MET B 258 -14.75 13.82 -4.62
C MET B 258 -13.43 14.21 -5.27
N GLY C 2 -5.95 20.89 -19.46
CA GLY C 2 -5.06 21.88 -18.88
C GLY C 2 -4.22 22.59 -19.91
N PHE C 3 -3.24 23.36 -19.45
CA PHE C 3 -2.55 24.26 -20.38
C PHE C 3 -1.49 23.57 -21.21
N LEU C 4 -1.46 22.24 -21.14
CA LEU C 4 -0.57 21.50 -22.01
C LEU C 4 -1.35 20.51 -22.88
N ASP C 5 -2.67 20.55 -22.80
CA ASP C 5 -3.54 19.67 -23.59
C ASP C 5 -3.02 19.39 -25.01
N GLY C 6 -2.70 18.13 -25.27
CA GLY C 6 -2.39 17.70 -26.62
C GLY C 6 -0.99 18.03 -27.08
N LYS C 7 -0.19 18.63 -26.20
CA LYS C 7 1.21 18.89 -26.53
C LYS C 7 2.08 17.65 -26.34
N ARG C 8 3.01 17.45 -27.25
CA ARG C 8 3.86 16.27 -27.23
C ARG C 8 5.25 16.68 -26.80
N ILE C 9 5.68 16.16 -25.65
CA ILE C 9 6.91 16.61 -25.04
C ILE C 9 7.89 15.50 -24.81
N LEU C 10 9.10 15.68 -25.31
CA LEU C 10 10.19 14.73 -25.10
C LEU C 10 11.00 15.14 -23.87
N LEU C 11 11.11 14.24 -22.90
CA LEU C 11 11.85 14.54 -21.68
C LEU C 11 13.12 13.72 -21.59
N THR C 12 14.23 14.39 -21.32
CA THR C 12 15.48 13.70 -21.02
C THR C 12 15.81 13.80 -19.53
N GLY C 13 16.82 13.05 -19.11
CA GLY C 13 17.37 13.19 -17.78
C GLY C 13 16.54 12.59 -16.65
N LEU C 14 15.51 11.84 -17.02
CA LEU C 14 14.69 11.20 -15.99
C LEU C 14 15.38 9.91 -15.57
N LEU C 15 15.89 9.93 -14.35
CA LEU C 15 16.73 8.83 -13.84
C LEU C 15 16.14 8.19 -12.58
N SER C 16 15.80 9.02 -11.60
CA SER C 16 15.14 8.59 -10.38
C SER C 16 13.74 9.20 -10.27
N ASN C 17 13.05 8.86 -9.21
CA ASN C 17 11.79 9.49 -8.89
C ASN C 17 12.09 10.73 -8.08
N ARG C 18 13.36 11.07 -7.98
CA ARG C 18 13.77 12.28 -7.28
C ARG C 18 14.32 13.27 -8.30
N SER C 19 14.56 12.78 -9.51
CA SER C 19 15.02 13.62 -10.60
C SER C 19 14.15 14.85 -10.80
N ILE C 20 14.79 15.95 -11.18
CA ILE C 20 14.05 17.15 -11.56
C ILE C 20 13.15 16.87 -12.75
N ALA C 21 13.66 16.07 -13.69
CA ALA C 21 12.89 15.67 -14.86
C ALA C 21 11.63 14.89 -14.47
N TYR C 22 11.64 14.29 -13.30
CA TYR C 22 10.48 13.53 -12.85
C TYR C 22 9.30 14.44 -12.50
N GLY C 23 9.55 15.43 -11.65
CA GLY C 23 8.54 16.42 -11.29
C GLY C 23 8.05 17.23 -12.47
N ILE C 24 8.86 17.36 -13.51
CA ILE C 24 8.41 18.07 -14.69
C ILE C 24 7.50 17.18 -15.52
N ALA C 25 7.71 15.88 -15.43
CA ALA C 25 6.83 14.97 -16.15
C ALA C 25 5.48 14.93 -15.48
N LYS C 26 5.47 14.79 -14.16
CA LYS C 26 4.21 14.79 -13.44
C LYS C 26 3.41 16.03 -13.81
N ALA C 27 4.05 17.20 -13.67
CA ALA C 27 3.39 18.45 -13.92
C ALA C 27 2.87 18.52 -15.35
N CYS C 28 3.63 17.99 -16.31
CA CYS C 28 3.18 18.03 -17.69
C CYS C 28 2.00 17.08 -17.89
N LYS C 29 2.17 15.84 -17.46
CA LYS C 29 1.12 14.84 -17.62
C LYS C 29 -0.14 15.45 -17.02
N ARG C 30 -0.04 15.88 -15.77
CA ARG C 30 -1.14 16.51 -15.06
C ARG C 30 -1.84 17.65 -15.83
N GLU C 31 -1.22 18.17 -16.88
CA GLU C 31 -1.81 19.28 -17.57
C GLU C 31 -2.21 18.93 -19.01
N GLY C 32 -2.25 17.62 -19.28
CA GLY C 32 -2.73 17.11 -20.55
C GLY C 32 -1.65 16.79 -21.57
N ALA C 33 -0.40 16.82 -21.14
CA ALA C 33 0.71 16.57 -22.04
C ALA C 33 0.83 15.09 -22.39
N GLU C 34 1.43 14.83 -23.54
CA GLU C 34 1.74 13.48 -23.98
C GLU C 34 3.26 13.38 -23.99
N LEU C 35 3.80 12.38 -23.29
CA LEU C 35 5.24 12.35 -23.05
C LEU C 35 6.02 11.24 -23.78
N ALA C 36 7.30 11.51 -24.01
CA ALA C 36 8.24 10.52 -24.50
C ALA C 36 9.53 10.73 -23.70
N PHE C 37 10.34 9.68 -23.56
CA PHE C 37 11.49 9.76 -22.67
C PHE C 37 12.77 9.21 -23.25
N THR C 38 13.90 9.62 -22.68
CA THR C 38 15.19 9.08 -23.08
C THR C 38 15.90 8.44 -21.90
N TYR C 39 16.90 7.63 -22.22
CA TYR C 39 17.72 6.99 -21.21
C TYR C 39 19.11 6.76 -21.77
N VAL C 40 20.08 6.54 -20.88
CA VAL C 40 21.44 6.30 -21.31
C VAL C 40 21.89 4.88 -20.99
N GLY C 41 22.29 4.16 -22.02
CA GLY C 41 22.80 2.81 -21.84
C GLY C 41 21.71 1.76 -21.78
N ASP C 42 22.03 0.57 -22.23
CA ASP C 42 21.03 -0.48 -22.33
C ASP C 42 20.59 -0.98 -20.95
N ARG C 43 21.34 -0.61 -19.91
CA ARG C 43 21.07 -1.15 -18.57
C ARG C 43 20.09 -0.31 -17.77
N PHE C 44 19.53 0.71 -18.40
CA PHE C 44 18.51 1.55 -17.79
C PHE C 44 17.21 1.41 -18.58
N LYS C 45 17.32 0.79 -19.75
CA LYS C 45 16.20 0.56 -20.63
C LYS C 45 14.94 0.07 -19.92
N ASP C 46 15.13 -0.70 -18.84
CA ASP C 46 14.00 -1.31 -18.16
C ASP C 46 13.32 -0.34 -17.21
N ARG C 47 14.12 0.47 -16.51
CA ARG C 47 13.60 1.39 -15.52
C ARG C 47 12.77 2.50 -16.15
N ILE C 48 13.27 3.04 -17.27
CA ILE C 48 12.61 4.14 -17.95
C ILE C 48 11.29 3.69 -18.56
N THR C 49 11.23 2.41 -18.91
CA THR C 49 10.02 1.83 -19.49
C THR C 49 8.88 1.83 -18.47
N GLU C 50 9.22 1.56 -17.21
CA GLU C 50 8.25 1.65 -16.12
C GLU C 50 7.79 3.08 -15.97
N PHE C 51 8.74 3.95 -15.65
CA PHE C 51 8.47 5.38 -15.54
C PHE C 51 7.57 5.89 -16.66
N ALA C 52 7.82 5.45 -17.89
CA ALA C 52 7.05 5.88 -19.05
C ALA C 52 5.62 5.35 -18.98
N ALA C 53 5.48 4.12 -18.53
CA ALA C 53 4.17 3.53 -18.32
C ALA C 53 3.38 4.36 -17.31
N GLU C 54 4.05 4.78 -16.24
CA GLU C 54 3.42 5.58 -15.19
C GLU C 54 2.84 6.90 -15.70
N PHE C 55 3.30 7.35 -16.86
CA PHE C 55 2.78 8.56 -17.47
C PHE C 55 2.07 8.23 -18.78
N GLY C 56 1.58 7.00 -18.88
CA GLY C 56 0.81 6.55 -20.02
C GLY C 56 1.58 6.58 -21.34
N SER C 57 2.89 6.55 -21.24
CA SER C 57 3.74 6.58 -22.42
C SER C 57 4.38 5.22 -22.69
N GLU C 58 4.57 4.91 -23.96
CA GLU C 58 5.23 3.68 -24.36
C GLU C 58 6.44 4.02 -25.22
N LEU C 59 6.92 5.26 -25.09
CA LEU C 59 8.01 5.74 -25.92
C LEU C 59 9.25 6.02 -25.11
N VAL C 60 10.24 5.13 -25.25
CA VAL C 60 11.51 5.29 -24.56
C VAL C 60 12.64 5.15 -25.58
N PHE C 61 13.63 6.03 -25.49
CA PHE C 61 14.71 6.01 -26.46
C PHE C 61 16.07 6.25 -25.84
N PRO C 62 17.07 5.46 -26.26
CA PRO C 62 18.41 5.64 -25.73
C PRO C 62 19.04 6.87 -26.34
N CYS C 63 19.84 7.58 -25.55
CA CYS C 63 20.53 8.73 -26.08
C CYS C 63 21.69 9.16 -25.19
N ASP C 64 22.88 8.71 -25.54
CA ASP C 64 24.08 9.17 -24.87
C ASP C 64 24.45 10.44 -25.60
N VAL C 65 24.28 11.59 -24.95
CA VAL C 65 24.50 12.86 -25.62
C VAL C 65 25.95 13.03 -25.98
N ALA C 66 26.77 12.04 -25.64
CA ALA C 66 28.18 12.06 -26.01
C ALA C 66 28.38 11.55 -27.45
N ASP C 67 27.34 10.94 -28.01
CA ASP C 67 27.43 10.28 -29.32
C ASP C 67 26.54 10.95 -30.39
N ASP C 68 27.17 11.59 -31.37
CA ASP C 68 26.45 12.11 -32.51
C ASP C 68 25.44 11.09 -33.03
N ALA C 69 25.85 9.82 -33.05
CA ALA C 69 25.02 8.75 -33.57
C ALA C 69 23.66 8.65 -32.89
N GLN C 70 23.66 8.56 -31.56
CA GLN C 70 22.42 8.35 -30.81
C GLN C 70 21.49 9.56 -30.85
N ILE C 71 22.05 10.76 -30.73
CA ILE C 71 21.29 12.00 -30.85
C ILE C 71 20.52 12.02 -32.16
N ASP C 72 21.15 11.55 -33.22
CA ASP C 72 20.49 11.53 -34.53
C ASP C 72 19.47 10.39 -34.62
N ALA C 73 19.85 9.23 -34.10
CA ALA C 73 18.95 8.08 -34.03
C ALA C 73 17.69 8.48 -33.28
N LEU C 74 17.88 9.18 -32.16
CA LEU C 74 16.80 9.55 -31.29
C LEU C 74 15.65 10.21 -32.05
N PHE C 75 15.97 11.17 -32.90
CA PHE C 75 14.92 11.93 -33.56
C PHE C 75 14.42 11.26 -34.81
N ALA C 76 15.22 10.37 -35.36
CA ALA C 76 14.75 9.56 -36.46
C ALA C 76 13.69 8.61 -35.94
N SER C 77 14.02 7.91 -34.85
CA SER C 77 13.08 7.00 -34.20
C SER C 77 11.79 7.74 -33.88
N LEU C 78 11.94 8.79 -33.06
CA LEU C 78 10.81 9.57 -32.59
C LEU C 78 9.92 10.01 -33.72
N LYS C 79 10.52 10.32 -34.87
CA LYS C 79 9.77 10.84 -36.00
C LYS C 79 8.71 9.87 -36.52
N THR C 80 8.97 8.58 -36.39
CA THR C 80 8.03 7.58 -36.90
C THR C 80 6.78 7.49 -36.02
N HIS C 81 6.93 7.87 -34.75
CA HIS C 81 5.80 7.87 -33.83
C HIS C 81 5.11 9.23 -33.84
N TRP C 82 5.85 10.28 -33.53
CA TRP C 82 5.26 11.62 -33.55
C TRP C 82 5.57 12.34 -34.86
N ASP C 83 4.53 12.93 -35.42
CA ASP C 83 4.65 13.75 -36.62
C ASP C 83 5.48 15.00 -36.34
N SER C 84 5.29 15.60 -35.17
CA SER C 84 6.09 16.76 -34.82
C SER C 84 6.30 16.85 -33.32
N LEU C 85 7.26 17.68 -32.92
CA LEU C 85 7.58 17.83 -31.50
C LEU C 85 7.13 19.22 -31.01
N ASP C 86 6.55 19.26 -29.81
CA ASP C 86 6.01 20.51 -29.23
C ASP C 86 6.82 21.03 -28.03
N GLY C 87 7.60 20.15 -27.41
CA GLY C 87 8.43 20.54 -26.29
C GLY C 87 9.58 19.60 -26.06
N LEU C 88 10.74 20.14 -25.74
CA LEU C 88 11.90 19.32 -25.34
C LEU C 88 12.49 19.79 -24.03
N VAL C 89 12.62 18.86 -23.08
CA VAL C 89 13.25 19.16 -21.80
C VAL C 89 14.64 18.53 -21.68
N HIS C 90 15.63 19.38 -21.46
CA HIS C 90 17.00 19.01 -21.34
C HIS C 90 17.34 19.05 -19.86
N SER C 91 17.36 17.89 -19.22
CA SER C 91 17.59 17.82 -17.79
C SER C 91 18.88 17.05 -17.57
N ILE C 92 19.92 17.46 -18.30
CA ILE C 92 21.15 16.69 -18.35
C ILE C 92 22.37 17.46 -17.85
N GLY C 93 23.04 16.89 -16.86
CA GLY C 93 24.32 17.41 -16.39
C GLY C 93 25.27 16.27 -15.99
N PHE C 94 26.56 16.55 -16.10
CA PHE C 94 27.61 15.63 -15.67
C PHE C 94 28.99 16.27 -15.66
N ALA C 95 29.78 15.87 -14.67
CA ALA C 95 31.18 16.27 -14.59
C ALA C 95 31.95 15.19 -13.86
N PRO C 96 33.14 14.85 -14.37
CA PRO C 96 34.06 13.98 -13.65
C PRO C 96 34.07 14.34 -12.16
N ARG C 97 34.19 13.35 -11.28
CA ARG C 97 34.09 13.62 -9.84
C ARG C 97 35.14 14.59 -9.31
N GLU C 98 36.35 14.58 -9.86
CA GLU C 98 37.37 15.52 -9.42
C GLU C 98 36.94 16.97 -9.65
N ALA C 99 36.26 17.21 -10.76
CA ALA C 99 36.01 18.57 -11.22
C ALA C 99 34.95 19.30 -10.37
N ILE C 100 34.28 18.56 -9.49
CA ILE C 100 33.25 19.14 -8.65
C ILE C 100 33.53 18.81 -7.19
N ALA C 101 34.80 18.60 -6.88
CA ALA C 101 35.25 18.30 -5.53
C ALA C 101 36.37 19.23 -5.11
N GLY C 102 36.21 19.86 -3.95
CA GLY C 102 37.27 20.67 -3.36
C GLY C 102 37.72 21.87 -4.16
N ASP C 103 39.02 22.01 -4.33
CA ASP C 103 39.61 23.20 -4.96
C ASP C 103 39.36 23.20 -6.45
N PHE C 104 38.94 24.34 -6.97
CA PHE C 104 38.67 24.55 -8.38
C PHE C 104 39.83 24.14 -9.28
N LEU C 105 40.98 24.77 -9.06
CA LEU C 105 42.20 24.45 -9.79
C LEU C 105 42.73 23.04 -9.60
N ASP C 106 42.42 22.40 -8.47
CA ASP C 106 42.90 21.06 -8.20
C ASP C 106 42.18 20.02 -9.04
N GLY C 107 40.93 20.31 -9.42
CA GLY C 107 40.17 19.40 -10.24
C GLY C 107 40.20 19.75 -11.71
N LEU C 108 40.98 20.77 -12.06
CA LEU C 108 41.02 21.26 -13.43
C LEU C 108 42.00 20.47 -14.32
N THR C 109 41.52 20.00 -15.46
CA THR C 109 42.36 19.37 -16.48
C THR C 109 41.63 19.51 -17.77
N ARG C 110 42.38 19.63 -18.87
CA ARG C 110 41.79 19.79 -20.20
C ARG C 110 40.69 18.78 -20.43
N GLU C 111 40.83 17.61 -19.81
CA GLU C 111 39.91 16.52 -20.05
C GLU C 111 38.60 16.68 -19.32
N ASN C 112 38.66 16.98 -18.03
CA ASN C 112 37.45 17.24 -17.26
C ASN C 112 36.69 18.39 -17.87
N PHE C 113 37.38 19.50 -18.08
CA PHE C 113 36.74 20.66 -18.70
C PHE C 113 35.99 20.23 -19.94
N ARG C 114 36.70 19.57 -20.85
CA ARG C 114 36.09 19.16 -22.11
C ARG C 114 34.81 18.39 -21.85
N ILE C 115 34.88 17.43 -20.93
CA ILE C 115 33.79 16.51 -20.71
C ILE C 115 32.57 17.22 -20.16
N ALA C 116 32.77 17.98 -19.09
CA ALA C 116 31.69 18.73 -18.45
C ALA C 116 31.00 19.67 -19.44
N HIS C 117 31.77 20.32 -20.29
CA HIS C 117 31.21 21.19 -21.30
C HIS C 117 30.52 20.44 -22.43
N ASP C 118 31.10 19.32 -22.86
CA ASP C 118 30.50 18.52 -23.90
C ASP C 118 29.12 18.06 -23.48
N ILE C 119 29.01 17.52 -22.27
CA ILE C 119 27.77 16.88 -21.84
C ILE C 119 26.73 17.81 -21.29
N SER C 120 27.15 18.77 -20.46
CA SER C 120 26.21 19.67 -19.79
C SER C 120 25.86 20.90 -20.60
N ALA C 121 26.77 21.35 -21.45
CA ALA C 121 26.49 22.59 -22.20
C ALA C 121 26.20 22.33 -23.69
N TYR C 122 27.15 21.75 -24.42
CA TYR C 122 26.97 21.48 -25.85
C TYR C 122 25.71 20.67 -26.16
N SER C 123 25.39 19.71 -25.32
CA SER C 123 24.31 18.81 -25.64
C SER C 123 22.98 19.50 -25.94
N PHE C 124 22.71 20.63 -25.27
CA PHE C 124 21.41 21.27 -25.34
C PHE C 124 21.16 21.82 -26.74
N PRO C 125 22.04 22.70 -27.23
CA PRO C 125 21.88 23.13 -28.61
C PRO C 125 22.12 22.01 -29.61
N ALA C 126 22.89 21.01 -29.22
CA ALA C 126 23.09 19.86 -30.08
C ALA C 126 21.73 19.24 -30.37
N LEU C 127 21.04 18.84 -29.31
CA LEU C 127 19.69 18.28 -29.43
C LEU C 127 18.77 19.18 -30.24
N ALA C 128 18.88 20.48 -30.02
CA ALA C 128 18.02 21.44 -30.73
C ALA C 128 18.21 21.35 -32.21
N LYS C 129 19.45 21.44 -32.67
CA LYS C 129 19.71 21.29 -34.09
C LYS C 129 19.11 20.01 -34.59
N ALA C 130 19.16 18.98 -33.75
CA ALA C 130 18.79 17.62 -34.12
C ALA C 130 17.29 17.43 -34.07
N ALA C 131 16.58 18.43 -33.56
CA ALA C 131 15.13 18.37 -33.47
C ALA C 131 14.52 19.36 -34.45
N LEU C 132 15.31 20.36 -34.81
CA LEU C 132 14.84 21.42 -35.69
C LEU C 132 13.83 20.90 -36.71
N PRO C 133 14.21 19.85 -37.46
CA PRO C 133 13.37 19.25 -38.51
C PRO C 133 11.94 18.93 -38.10
N MET C 134 11.72 18.33 -36.92
CA MET C 134 10.36 17.96 -36.54
C MET C 134 9.69 18.90 -35.51
N LEU C 135 10.38 19.98 -35.14
CA LEU C 135 9.81 20.96 -34.20
C LEU C 135 8.61 21.69 -34.80
N SER C 136 7.64 21.98 -33.95
CA SER C 136 6.46 22.72 -34.39
C SER C 136 6.68 24.24 -34.28
N ASP C 137 5.66 25.01 -34.65
CA ASP C 137 5.78 26.46 -34.67
C ASP C 137 5.57 27.14 -33.31
N ASP C 138 4.86 26.47 -32.40
CA ASP C 138 4.66 26.99 -31.05
C ASP C 138 5.62 26.33 -30.06
N ALA C 139 6.50 25.49 -30.58
CA ALA C 139 7.38 24.64 -29.76
C ALA C 139 8.23 25.42 -28.77
N SER C 140 8.63 24.74 -27.71
CA SER C 140 9.31 25.39 -26.61
C SER C 140 10.44 24.48 -26.13
N LEU C 141 11.63 25.03 -25.98
CA LEU C 141 12.73 24.29 -25.39
C LEU C 141 13.03 24.78 -24.00
N LEU C 142 13.43 23.86 -23.14
CA LEU C 142 13.68 24.21 -21.76
C LEU C 142 14.82 23.38 -21.19
N THR C 143 15.78 24.07 -20.58
CA THR C 143 16.92 23.41 -20.00
C THR C 143 17.00 23.83 -18.53
N LEU C 144 17.76 23.05 -17.75
CA LEU C 144 17.96 23.33 -16.34
C LEU C 144 19.32 23.93 -16.08
N SER C 145 19.41 24.85 -15.13
CA SER C 145 20.67 25.49 -14.81
C SER C 145 20.78 25.77 -13.30
N TYR C 146 21.81 26.51 -12.92
CA TYR C 146 22.04 26.76 -11.52
C TYR C 146 22.77 28.07 -11.23
N LEU C 147 22.58 28.56 -10.00
CA LEU C 147 23.06 29.89 -9.59
C LEU C 147 24.57 29.98 -9.63
N GLY C 148 25.19 28.80 -9.65
CA GLY C 148 26.63 28.68 -9.77
C GLY C 148 27.18 29.17 -11.09
N ALA C 149 26.31 29.45 -12.06
CA ALA C 149 26.76 30.00 -13.35
C ALA C 149 27.10 31.46 -13.21
N GLU C 150 26.43 32.12 -12.26
CA GLU C 150 26.56 33.57 -12.09
C GLU C 150 27.37 33.98 -10.87
N ARG C 151 27.56 33.05 -9.92
CA ARG C 151 28.33 33.33 -8.70
C ARG C 151 29.12 32.11 -8.24
N ALA C 152 30.31 32.36 -7.71
CA ALA C 152 31.18 31.26 -7.32
C ALA C 152 30.63 30.54 -6.09
N ILE C 153 30.21 29.30 -6.29
CA ILE C 153 29.73 28.43 -5.24
C ILE C 153 30.80 27.39 -4.92
N PRO C 154 31.05 27.17 -3.62
CA PRO C 154 31.98 26.10 -3.21
C PRO C 154 31.68 24.78 -3.93
N ASN C 155 32.74 24.07 -4.30
CA ASN C 155 32.63 22.76 -4.95
C ASN C 155 32.09 22.73 -6.39
N TYR C 156 31.31 23.73 -6.78
CA TYR C 156 30.68 23.69 -8.09
C TYR C 156 31.72 23.75 -9.19
N ASN C 157 32.70 24.65 -9.05
CA ASN C 157 33.92 24.58 -9.87
C ASN C 157 33.65 24.57 -11.38
N THR C 158 34.10 23.52 -12.06
CA THR C 158 33.92 23.43 -13.52
C THR C 158 32.46 23.38 -13.96
N MET C 159 31.60 22.79 -13.13
CA MET C 159 30.18 22.84 -13.43
C MET C 159 29.73 24.28 -13.65
N GLY C 160 30.33 25.19 -12.89
CA GLY C 160 30.03 26.60 -12.99
C GLY C 160 30.19 27.13 -14.40
N LEU C 161 31.27 26.75 -15.05
CA LEU C 161 31.59 27.18 -16.42
C LEU C 161 30.70 26.55 -17.47
N ALA C 162 30.53 25.23 -17.43
CA ALA C 162 29.51 24.60 -18.26
C ALA C 162 28.16 25.34 -18.18
N LYS C 163 27.67 25.58 -16.96
CA LYS C 163 26.39 26.25 -16.76
C LYS C 163 26.34 27.67 -17.34
N ALA C 164 27.47 28.37 -17.34
CA ALA C 164 27.51 29.70 -17.91
C ALA C 164 27.42 29.62 -19.45
N ALA C 165 28.11 28.64 -20.00
CA ALA C 165 28.02 28.38 -21.44
C ALA C 165 26.62 27.92 -21.83
N LEU C 166 26.02 27.05 -21.03
CA LEU C 166 24.67 26.60 -21.29
C LEU C 166 23.70 27.80 -21.35
N GLU C 167 23.83 28.70 -20.39
CA GLU C 167 22.91 29.81 -20.31
C GLU C 167 23.10 30.77 -21.48
N ALA C 168 24.32 30.84 -22.00
CA ALA C 168 24.55 31.69 -23.13
C ALA C 168 23.91 31.06 -24.37
N SER C 169 23.87 29.74 -24.39
CA SER C 169 23.35 29.03 -25.56
C SER C 169 21.85 29.27 -25.65
N VAL C 170 21.23 29.41 -24.50
CA VAL C 170 19.82 29.71 -24.43
C VAL C 170 19.52 30.99 -25.19
N ARG C 171 20.39 31.98 -25.06
CA ARG C 171 20.17 33.23 -25.76
C ARG C 171 20.40 33.07 -27.29
N TYR C 172 21.49 32.42 -27.66
CA TYR C 172 21.78 32.21 -29.07
C TYR C 172 20.80 31.25 -29.70
N LEU C 173 20.29 30.31 -28.91
CA LEU C 173 19.21 29.49 -29.42
C LEU C 173 17.94 30.30 -29.70
N ALA C 174 17.53 31.13 -28.74
CA ALA C 174 16.30 31.88 -28.87
C ALA C 174 16.29 32.71 -30.15
N VAL C 175 17.46 33.20 -30.52
CA VAL C 175 17.61 34.04 -31.70
C VAL C 175 17.50 33.18 -32.95
N SER C 176 18.24 32.08 -32.92
CA SER C 176 18.32 31.14 -34.04
C SER C 176 16.95 30.53 -34.38
N LEU C 177 16.21 30.14 -33.36
CA LEU C 177 14.93 29.46 -33.55
C LEU C 177 13.71 30.36 -33.40
N GLY C 178 13.89 31.56 -32.84
CA GLY C 178 12.79 32.49 -32.65
C GLY C 178 12.13 32.86 -33.97
N ALA C 179 12.88 32.79 -35.06
CA ALA C 179 12.34 33.11 -36.36
C ALA C 179 11.19 32.17 -36.67
N LYS C 180 11.35 30.91 -36.29
CA LYS C 180 10.38 29.88 -36.63
C LYS C 180 9.27 29.77 -35.58
N GLY C 181 9.26 30.70 -34.63
CA GLY C 181 8.24 30.71 -33.60
C GLY C 181 8.60 29.91 -32.37
N VAL C 182 9.78 29.31 -32.37
CA VAL C 182 10.24 28.47 -31.26
C VAL C 182 10.80 29.30 -30.09
N ARG C 183 10.45 28.92 -28.88
CA ARG C 183 10.93 29.62 -27.69
C ARG C 183 11.98 28.77 -26.94
N VAL C 184 12.92 29.44 -26.30
CA VAL C 184 13.97 28.74 -25.59
C VAL C 184 14.19 29.38 -24.25
N ASN C 185 14.14 28.57 -23.19
CA ASN C 185 14.23 29.12 -21.84
C ASN C 185 14.98 28.17 -20.92
N ALA C 186 15.46 28.72 -19.81
CA ALA C 186 16.12 27.93 -18.82
C ALA C 186 15.47 28.24 -17.50
N ILE C 187 15.44 27.24 -16.61
CA ILE C 187 15.07 27.47 -15.22
C ILE C 187 16.30 27.33 -14.36
N SER C 188 16.56 28.32 -13.52
CA SER C 188 17.66 28.22 -12.54
C SER C 188 17.10 27.71 -11.22
N ALA C 189 17.30 26.41 -10.97
CA ALA C 189 16.72 25.77 -9.79
C ALA C 189 17.58 25.91 -8.55
N GLY C 190 16.92 25.87 -7.39
CA GLY C 190 17.58 25.80 -6.10
C GLY C 190 17.99 24.36 -5.78
N PRO C 191 18.78 24.18 -4.72
CA PRO C 191 19.35 22.88 -4.33
C PRO C 191 18.28 21.83 -4.09
N ILE C 192 18.33 20.71 -4.82
CA ILE C 192 17.39 19.61 -4.63
C ILE C 192 18.13 18.27 -4.57
N LYS C 193 17.90 17.51 -3.50
CA LYS C 193 18.62 16.26 -3.27
C LYS C 193 18.32 15.18 -4.30
N THR C 194 19.14 15.12 -5.35
CA THR C 194 18.99 14.15 -6.41
C THR C 194 20.24 13.30 -6.49
N LEU C 195 20.27 12.33 -7.40
CA LEU C 195 21.45 11.50 -7.58
C LEU C 195 22.66 12.33 -8.00
N ALA C 196 22.46 13.21 -8.99
CA ALA C 196 23.53 14.11 -9.43
C ALA C 196 24.08 14.94 -8.28
N ALA C 197 23.22 15.29 -7.34
CA ALA C 197 23.62 16.11 -6.20
C ALA C 197 24.50 15.36 -5.17
N SER C 198 24.66 14.05 -5.37
CA SER C 198 25.51 13.24 -4.49
C SER C 198 26.98 13.60 -4.61
N GLY C 199 27.37 14.14 -5.75
CA GLY C 199 28.77 14.45 -6.02
C GLY C 199 29.23 15.79 -5.49
N ILE C 200 28.29 16.57 -4.95
CA ILE C 200 28.62 17.87 -4.40
C ILE C 200 28.77 17.68 -2.92
N LYS C 201 30.03 17.61 -2.45
CA LYS C 201 30.29 17.44 -1.03
C LYS C 201 29.62 18.58 -0.30
N SER C 202 29.29 18.38 0.97
CA SER C 202 28.63 19.44 1.73
C SER C 202 27.44 20.04 0.95
N PHE C 203 26.83 19.25 0.09
CA PHE C 203 25.55 19.62 -0.49
C PHE C 203 24.59 19.88 0.65
N GLY C 204 24.75 19.09 1.72
CA GLY C 204 23.93 19.21 2.91
C GLY C 204 24.13 20.54 3.59
N LYS C 205 25.34 21.08 3.46
CA LYS C 205 25.66 22.37 4.03
C LYS C 205 24.92 23.47 3.29
N ILE C 206 25.03 23.45 1.95
CA ILE C 206 24.33 24.41 1.07
C ILE C 206 22.82 24.36 1.27
N LEU C 207 22.25 23.17 1.14
CA LEU C 207 20.82 22.99 1.30
C LEU C 207 20.34 23.57 2.64
N ASP C 208 21.09 23.34 3.71
CA ASP C 208 20.71 23.88 5.01
C ASP C 208 20.82 25.39 4.98
N PHE C 209 21.89 25.90 4.39
CA PHE C 209 22.14 27.33 4.34
C PHE C 209 20.98 28.02 3.66
N VAL C 210 20.58 27.48 2.50
CA VAL C 210 19.51 28.08 1.70
C VAL C 210 18.17 28.09 2.42
N GLU C 211 17.91 27.05 3.20
CA GLU C 211 16.67 26.94 3.95
C GLU C 211 16.65 27.99 5.05
N SER C 212 17.84 28.43 5.46
CA SER C 212 17.95 29.40 6.52
C SER C 212 17.78 30.81 6.00
N ASN C 213 18.24 31.06 4.78
CA ASN C 213 18.40 32.43 4.28
C ASN C 213 17.55 32.86 3.08
N SER C 214 17.03 31.91 2.31
CA SER C 214 16.07 32.22 1.26
C SER C 214 14.98 33.12 1.83
N PRO C 215 14.48 34.05 1.00
CA PRO C 215 13.38 34.92 1.45
C PRO C 215 12.17 34.11 1.95
N LEU C 216 11.81 33.05 1.22
CA LEU C 216 10.72 32.17 1.62
C LEU C 216 11.10 31.20 2.73
N LYS C 217 12.38 31.20 3.12
CA LYS C 217 12.86 30.43 4.27
C LYS C 217 12.61 28.93 4.13
N ARG C 218 12.60 28.42 2.91
CA ARG C 218 12.42 26.97 2.72
C ARG C 218 13.14 26.51 1.46
N ASN C 219 13.31 25.21 1.31
CA ASN C 219 13.92 24.69 0.09
C ASN C 219 12.88 24.44 -0.99
N VAL C 220 13.31 24.35 -2.25
CA VAL C 220 12.37 24.08 -3.34
C VAL C 220 12.16 22.58 -3.51
N THR C 221 11.20 22.21 -4.36
CA THR C 221 10.96 20.79 -4.65
C THR C 221 10.78 20.61 -6.14
N ILE C 222 10.83 19.35 -6.57
CA ILE C 222 10.74 19.09 -8.00
C ILE C 222 9.34 19.38 -8.51
N GLU C 223 8.39 19.46 -7.59
CA GLU C 223 7.03 19.82 -7.98
C GLU C 223 6.97 21.29 -8.32
N GLN C 224 7.58 22.09 -7.46
CA GLN C 224 7.65 23.51 -7.71
C GLN C 224 8.37 23.77 -9.03
N VAL C 225 9.49 23.09 -9.23
CA VAL C 225 10.23 23.25 -10.47
C VAL C 225 9.43 22.69 -11.63
N GLY C 226 8.88 21.49 -11.43
CA GLY C 226 7.96 20.90 -12.39
C GLY C 226 6.89 21.89 -12.86
N ASN C 227 6.24 22.56 -11.90
CA ASN C 227 5.16 23.50 -12.20
C ASN C 227 5.57 24.71 -13.04
N ALA C 228 6.72 25.29 -12.73
CA ALA C 228 7.28 26.35 -13.54
C ALA C 228 7.62 25.89 -14.97
N GLY C 229 8.12 24.67 -15.09
CA GLY C 229 8.52 24.13 -16.37
C GLY C 229 7.31 23.93 -17.27
N ALA C 230 6.23 23.43 -16.70
CA ALA C 230 5.02 23.20 -17.47
C ALA C 230 4.61 24.51 -18.10
N PHE C 231 4.58 25.53 -17.27
CA PHE C 231 4.31 26.88 -17.68
C PHE C 231 5.17 27.30 -18.87
N LEU C 232 6.48 27.11 -18.73
CA LEU C 232 7.38 27.56 -19.79
C LEU C 232 7.22 26.76 -21.04
N LEU C 233 6.78 25.52 -20.89
CA LEU C 233 6.58 24.66 -22.03
C LEU C 233 5.26 24.98 -22.69
N SER C 234 4.39 25.65 -21.93
CA SER C 234 3.03 25.97 -22.37
CA SER C 234 3.05 25.94 -22.43
C SER C 234 2.88 27.31 -23.11
N ASP C 235 1.71 27.52 -23.69
CA ASP C 235 1.45 28.70 -24.49
C ASP C 235 1.04 29.90 -23.64
N LEU C 236 0.85 29.66 -22.35
CA LEU C 236 0.78 30.75 -21.37
C LEU C 236 2.04 31.59 -21.47
N ALA C 237 3.18 30.92 -21.68
CA ALA C 237 4.47 31.60 -21.77
C ALA C 237 4.84 32.01 -23.18
N SER C 238 3.83 32.22 -24.02
CA SER C 238 4.06 32.54 -25.42
C SER C 238 4.76 33.88 -25.66
N GLY C 239 4.85 34.73 -24.65
CA GLY C 239 5.71 35.90 -24.78
C GLY C 239 7.07 35.80 -24.11
N VAL C 240 7.40 34.60 -23.63
CA VAL C 240 8.63 34.40 -22.87
C VAL C 240 9.64 33.55 -23.62
N THR C 241 10.73 34.17 -24.07
CA THR C 241 11.84 33.44 -24.68
C THR C 241 13.14 34.04 -24.16
N ALA C 242 14.20 33.25 -24.19
CA ALA C 242 15.53 33.68 -23.77
C ALA C 242 15.66 33.96 -22.26
N GLU C 243 14.63 33.61 -21.49
CA GLU C 243 14.67 33.91 -20.08
C GLU C 243 15.42 32.83 -19.32
N VAL C 244 16.08 33.21 -18.24
CA VAL C 244 16.58 32.27 -17.27
C VAL C 244 15.82 32.52 -16.01
N MET C 245 14.88 31.65 -15.69
CA MET C 245 13.95 31.90 -14.62
C MET C 245 14.38 31.22 -13.29
N HIS C 246 14.70 32.03 -12.28
CA HIS C 246 15.06 31.47 -10.96
C HIS C 246 13.87 30.88 -10.26
N VAL C 247 14.01 29.64 -9.82
CA VAL C 247 13.01 29.00 -8.98
C VAL C 247 13.72 28.40 -7.76
N ASP C 248 13.93 29.23 -6.74
CA ASP C 248 14.81 28.91 -5.65
C ASP C 248 14.41 29.62 -4.36
N SER C 249 13.11 29.70 -4.10
CA SER C 249 12.61 30.46 -2.95
C SER C 249 13.24 31.86 -2.85
N GLY C 250 13.76 32.37 -3.96
CA GLY C 250 14.26 33.74 -4.00
C GLY C 250 15.70 33.91 -3.58
N PHE C 251 16.43 32.81 -3.51
CA PHE C 251 17.74 32.82 -2.89
C PHE C 251 18.74 33.72 -3.58
N ASN C 252 18.73 33.70 -4.90
CA ASN C 252 19.63 34.54 -5.70
C ASN C 252 19.61 36.01 -5.30
N ALA C 253 18.51 36.44 -4.70
CA ALA C 253 18.22 37.86 -4.53
C ALA C 253 18.81 38.47 -3.27
N VAL C 254 19.12 37.63 -2.29
CA VAL C 254 19.63 38.12 -1.00
C VAL C 254 21.12 37.93 -0.85
N VAL C 255 21.65 38.50 0.23
CA VAL C 255 22.96 38.12 0.70
C VAL C 255 22.80 37.50 2.09
N GLY C 256 22.95 36.18 2.17
CA GLY C 256 22.61 35.47 3.39
C GLY C 256 23.73 35.33 4.40
N GLY C 257 23.35 35.00 5.63
CA GLY C 257 24.29 34.64 6.67
C GLY C 257 24.91 35.79 7.42
N MET C 258 24.17 36.89 7.54
CA MET C 258 24.67 38.06 8.28
C MET C 258 23.64 38.57 9.28
PA NAD D . 9.89 -5.98 20.37
O1A NAD D . 10.82 -5.19 21.27
O2A NAD D . 10.41 -7.44 20.24
O5B NAD D . 9.86 -5.22 18.97
C5B NAD D . 10.16 -3.83 19.04
C4B NAD D . 11.06 -3.40 18.03
O4B NAD D . 11.05 -1.96 17.89
C3B NAD D . 12.44 -3.77 18.44
O3B NAD D . 13.02 -4.68 17.54
C2B NAD D . 13.17 -2.50 18.41
O2B NAD D . 14.50 -2.64 17.99
C1B NAD D . 12.34 -1.72 17.45
N9A NAD D . 12.76 -0.31 17.43
C8A NAD D . 12.76 0.47 18.53
N7A NAD D . 13.31 1.65 18.19
C5A NAD D . 13.66 1.64 16.88
C6A NAD D . 14.25 2.59 16.02
N6A NAD D . 14.62 3.87 16.57
N1A NAD D . 14.46 2.27 14.73
C2A NAD D . 14.12 1.05 14.28
N3A NAD D . 13.56 0.12 15.08
C4A NAD D . 13.31 0.37 16.38
O3 NAD D . 8.44 -5.92 20.96
PN NAD D . 7.25 -6.17 20.09
O1N NAD D . 6.10 -6.47 20.99
O2N NAD D . 7.46 -7.30 19.12
O5D NAD D . 6.90 -4.81 19.41
C5D NAD D . 6.70 -4.74 18.05
C4D NAD D . 5.65 -3.95 17.53
O4D NAD D . 4.41 -4.54 17.77
C3D NAD D . 5.62 -2.57 18.12
O3D NAD D . 5.40 -1.69 17.11
C2D NAD D . 4.51 -2.59 19.06
O2D NAD D . 3.90 -1.39 19.16
C1D NAD D . 3.58 -3.63 18.54
N1N NAD D . 2.87 -4.43 19.55
C2N NAD D . 3.31 -5.15 20.65
C3N NAD D . 2.30 -5.80 21.34
C7N NAD D . 2.61 -6.62 22.57
O7N NAD D . 1.67 -7.13 23.17
N7N NAD D . 3.88 -6.73 23.00
C4N NAD D . 0.96 -5.74 20.97
C5N NAD D . 0.58 -5.01 19.86
C6N NAD D . 1.56 -4.35 19.13
O17 PV4 E . 2.69 -1.51 21.19
C6 PV4 E . 2.76 -2.33 22.28
C5 PV4 E . 3.96 -2.66 22.94
O7 PV4 E . 5.19 -2.25 22.45
C8 PV4 E . 5.56 -1.00 22.86
C13 PV4 E . 4.94 -0.35 23.93
C12 PV4 E . 5.40 0.92 24.25
C11 PV4 E . 6.45 1.51 23.55
C10 PV4 E . 7.07 0.86 22.50
C9 PV4 E . 6.60 -0.41 22.16
C4 PV4 E . 3.96 -3.51 24.03
C3 PV4 E . 2.75 -4.00 24.48
C2 PV4 E . 1.59 -3.66 23.83
C1 PV4 E . 1.56 -2.84 22.73
C14 PV4 E . 0.32 -4.27 24.31
C15 PV4 E . 0.46 -4.51 25.78
C16 PV4 E . -0.22 -3.47 26.60
PA NAD F . -26.74 -15.78 -3.96
O1A NAD F . -28.26 -15.62 -4.10
O2A NAD F . -26.05 -15.90 -5.36
O5B NAD F . -26.56 -17.07 -3.00
C5B NAD F . -26.94 -17.01 -1.60
C4B NAD F . -27.67 -18.14 -1.15
O4B NAD F . -28.42 -17.98 0.09
C3B NAD F . -28.67 -18.37 -2.21
O3B NAD F . -28.56 -19.68 -2.67
C2B NAD F . -29.94 -18.15 -1.55
O2B NAD F . -30.95 -18.88 -2.13
C1B NAD F . -29.56 -18.72 -0.24
N9A NAD F . -30.69 -18.86 0.69
C8A NAD F . -31.84 -18.15 0.62
N7A NAD F . -32.66 -18.59 1.59
C5A NAD F . -32.06 -19.60 2.29
C6A NAD F . -32.42 -20.43 3.38
N6A NAD F . -33.70 -20.29 4.02
N1A NAD F . -31.55 -21.36 3.85
C2A NAD F . -30.35 -21.48 3.23
N3A NAD F . -29.97 -20.71 2.19
C4A NAD F . -30.80 -19.76 1.69
O3 NAD F . -26.17 -14.61 -3.11
PN NAD F . -24.70 -14.52 -2.83
O1N NAD F . -24.25 -13.34 -3.59
O2N NAD F . -23.98 -15.76 -3.29
O5D NAD F . -24.44 -14.21 -1.32
C5D NAD F . -24.87 -15.04 -0.26
C4D NAD F . -24.56 -14.69 1.10
O4D NAD F . -23.46 -13.84 1.16
C3D NAD F . -25.68 -13.93 1.76
O3D NAD F . -25.61 -14.09 3.10
C2D NAD F . -25.44 -12.53 1.48
O2D NAD F . -25.94 -11.78 2.49
C1D NAD F . -23.95 -12.47 1.47
N1N NAD F . -23.36 -11.37 0.68
C2N NAD F . -23.34 -10.90 -0.67
C3N NAD F . -22.56 -9.76 -0.96
C7N NAD F . -22.40 -9.11 -2.36
O7N NAD F . -21.68 -8.12 -2.47
N7N NAD F . -22.58 -9.82 -3.47
C4N NAD F . -21.86 -9.12 0.05
C5N NAD F . -21.90 -9.62 1.37
C6N NAD F . -22.65 -10.74 1.71
O17 PV4 G . -25.76 -9.06 1.28
C6 PV4 G . -25.67 -8.68 -0.05
C5 PV4 G . -26.17 -9.54 -1.03
O7 PV4 G . -26.74 -10.72 -0.63
C8 PV4 G . -28.07 -10.43 -0.37
C13 PV4 G . -28.71 -9.42 -1.09
C12 PV4 G . -30.03 -9.09 -0.85
C11 PV4 G . -30.72 -9.79 0.13
C10 PV4 G . -30.10 -10.80 0.86
C9 PV4 G . -28.77 -11.12 0.62
C4 PV4 G . -26.12 -9.19 -2.39
C3 PV4 G . -25.55 -7.98 -2.75
C2 PV4 G . -25.05 -7.13 -1.76
C1 PV4 G . -25.11 -7.46 -0.42
C14 PV4 G . -24.40 -5.85 -2.16
C15 PV4 G . -25.08 -5.26 -3.35
C16 PV4 G . -24.35 -4.03 -3.79
PA NAD H . 19.95 13.68 -11.74
O1A NAD H . 20.54 12.92 -10.55
O2A NAD H . 18.47 13.20 -11.92
O5B NAD H . 20.87 13.29 -13.01
C5B NAD H . 20.74 14.05 -14.23
C4B NAD H . 20.54 13.39 -15.49
O4B NAD H . 21.75 13.49 -16.30
C3B NAD H . 20.28 11.95 -15.39
O3B NAD H . 18.95 11.72 -15.76
C2B NAD H . 21.25 11.26 -16.26
O2B NAD H . 20.75 10.18 -17.01
C1B NAD H . 21.70 12.38 -17.14
N9A NAD H . 22.99 12.20 -17.84
C8A NAD H . 24.18 12.40 -17.26
N7A NAD H . 25.13 12.24 -18.18
C5A NAD H . 24.55 11.95 -19.37
C6A NAD H . 25.06 11.68 -20.66
N6A NAD H . 26.49 11.66 -20.83
N1A NAD H . 24.20 11.42 -21.68
C2A NAD H . 22.86 11.43 -21.45
N3A NAD H . 22.34 11.66 -20.23
C4A NAD H . 23.17 11.94 -19.17
O3 NAD H . 20.17 15.21 -11.45
PN NAD H . 19.12 16.30 -11.31
O1N NAD H . 19.15 16.83 -9.95
O2N NAD H . 17.72 15.96 -11.75
O5D NAD H . 19.71 17.43 -12.21
C5D NAD H . 19.48 17.38 -13.59
C4D NAD H . 19.61 18.65 -14.24
O4D NAD H . 19.22 19.65 -13.33
C3D NAD H . 21.05 18.87 -14.53
O3D NAD H . 21.19 19.45 -15.76
C2D NAD H . 21.56 19.72 -13.47
O2D NAD H . 22.64 20.43 -13.91
C1D NAD H . 20.37 20.51 -13.03
N1N NAD H . 20.30 20.97 -11.63
C2N NAD H . 19.92 20.33 -10.45
C3N NAD H . 19.95 21.06 -9.27
C7N NAD H . 19.56 20.38 -7.94
O7N NAD H . 19.86 20.94 -6.91
N7N NAD H . 19.35 19.08 -7.90
C4N NAD H . 20.33 22.41 -9.24
C5N NAD H . 20.67 23.01 -10.45
C6N NAD H . 20.68 22.30 -11.65
O17 PV4 I . 23.68 21.17 -11.11
C6 PV4 I . 23.30 20.69 -9.88
C5 PV4 I . 23.00 19.32 -9.71
O7 PV4 I . 23.01 18.45 -10.77
C8 PV4 I . 24.27 18.25 -11.27
C13 PV4 I . 25.36 18.97 -10.79
C12 PV4 I . 26.63 18.76 -11.29
C11 PV4 I . 26.79 17.81 -12.30
C10 PV4 I . 25.72 17.08 -12.79
C9 PV4 I . 24.45 17.30 -12.27
C4 PV4 I . 22.62 18.84 -8.47
C3 PV4 I . 22.55 19.72 -7.40
C2 PV4 I . 22.85 21.05 -7.58
C1 PV4 I . 23.23 21.56 -8.81
C14 PV4 I . 22.74 21.98 -6.42
C15 PV4 I . 24.03 22.01 -5.68
C16 PV4 I . 24.92 23.01 -6.34
#